data_5BQK
#
_entry.id   5BQK
#
_cell.length_a   156.983
_cell.length_b   120.335
_cell.length_c   79.037
_cell.angle_alpha   90.000
_cell.angle_beta   100.460
_cell.angle_gamma   90.000
#
_symmetry.space_group_name_H-M   'C 1 2 1'
#
loop_
_entity.id
_entity.type
_entity.pdbx_description
1 polymer ICP27
2 non-polymer 'ZINC ION'
3 water water
#
_entity_poly.entity_id   1
_entity_poly.type   'polypeptide(L)'
_entity_poly.pdbx_seq_one_letter_code
;ADTIDATTRLVLRSISERAAVDRISESFGRSAQV(MSE)HDPFGGQPFPAANSPWAPVLAGQGGPFDAETRRVSWETLVA
HGPSLYRTFAGNPRAASTAKA(MSE)RDCVLRQENFIEALASADETLAWCK(MSE)CIHHNLPLRPQDPIIGTAAAVLDN
LATRLRPFLQCYLKARGLCGLDELCSRRRLADIKDIASFVFVILARLANRVERGVAEIDYATLGVGVGEK(MSE)HFYLP
GAC(MSE)AGLIEILDTHRQECSSRVCELTASHIVAPPYVHGKYFYCNSLF
;
_entity_poly.pdbx_strand_id   A,B,C
#
loop_
_chem_comp.id
_chem_comp.type
_chem_comp.name
_chem_comp.formula
ZN non-polymer 'ZINC ION' 'Zn 2'
#
# COMPACT_ATOMS: atom_id res chain seq x y z
N ALA A 1 -40.47 -15.79 -24.38
CA ALA A 1 -41.56 -15.15 -23.57
C ALA A 1 -41.15 -15.10 -22.07
N ASP A 2 -41.18 -13.91 -21.49
CA ASP A 2 -40.74 -13.68 -20.11
C ASP A 2 -41.70 -14.43 -19.18
N THR A 3 -41.17 -15.28 -18.32
CA THR A 3 -42.02 -16.10 -17.49
C THR A 3 -41.24 -16.48 -16.23
N ILE A 4 -41.96 -16.73 -15.15
CA ILE A 4 -41.37 -17.37 -14.01
C ILE A 4 -41.15 -18.89 -14.31
N ASP A 5 -39.91 -19.36 -14.26
CA ASP A 5 -39.61 -20.75 -14.74
C ASP A 5 -40.23 -21.78 -13.81
N ALA A 6 -40.47 -22.99 -14.34
CA ALA A 6 -41.12 -24.10 -13.64
C ALA A 6 -40.50 -24.43 -12.28
N THR A 7 -39.19 -24.40 -12.24
CA THR A 7 -38.48 -24.83 -11.03
C THR A 7 -38.69 -23.80 -9.89
N THR A 8 -38.70 -22.52 -10.28
CA THR A 8 -38.83 -21.44 -9.33
C THR A 8 -40.23 -21.45 -8.75
N ARG A 9 -41.23 -21.75 -9.58
CA ARG A 9 -42.56 -21.96 -9.07
C ARG A 9 -42.61 -23.01 -7.97
N LEU A 10 -41.83 -24.09 -8.11
CA LEU A 10 -41.78 -25.13 -7.06
C LEU A 10 -41.11 -24.56 -5.83
N VAL A 11 -39.97 -23.92 -6.05
CA VAL A 11 -39.29 -23.23 -4.98
C VAL A 11 -40.26 -22.32 -4.19
N LEU A 12 -41.03 -21.49 -4.90
CA LEU A 12 -42.02 -20.58 -4.26
C LEU A 12 -43.09 -21.30 -3.46
N ARG A 13 -43.72 -22.32 -4.05
CA ARG A 13 -44.69 -23.07 -3.28
C ARG A 13 -44.09 -23.85 -2.07
N SER A 14 -42.80 -24.16 -2.11
CA SER A 14 -42.28 -25.09 -1.08
C SER A 14 -42.12 -24.39 0.30
N ILE A 15 -42.34 -23.08 0.37
CA ILE A 15 -42.30 -22.36 1.65
C ILE A 15 -43.41 -22.99 2.55
N SER A 16 -44.51 -23.37 1.93
CA SER A 16 -45.62 -23.99 2.59
C SER A 16 -45.19 -25.30 3.30
N GLU A 17 -44.12 -25.91 2.82
CA GLU A 17 -43.77 -27.18 3.41
C GLU A 17 -42.98 -26.88 4.70
N ARG A 18 -42.34 -25.71 4.76
CA ARG A 18 -41.53 -25.41 5.98
C ARG A 18 -42.09 -24.39 6.97
N ALA A 19 -43.04 -23.52 6.55
CA ALA A 19 -43.39 -22.39 7.40
C ALA A 19 -44.26 -22.83 8.57
N ALA A 20 -43.91 -22.44 9.79
CA ALA A 20 -44.66 -22.91 10.95
C ALA A 20 -44.45 -22.01 12.14
N VAL A 21 -45.46 -21.89 12.98
CA VAL A 21 -45.37 -20.91 14.09
C VAL A 21 -44.14 -21.12 14.92
N ASP A 22 -43.78 -22.38 15.19
CA ASP A 22 -42.58 -22.56 16.03
C ASP A 22 -41.24 -22.43 15.30
N ARG A 23 -41.20 -22.62 13.98
CA ARG A 23 -40.01 -22.33 13.22
C ARG A 23 -39.76 -20.81 13.26
N ILE A 24 -40.82 -20.02 13.10
CA ILE A 24 -40.78 -18.56 13.21
C ILE A 24 -40.34 -18.10 14.62
N SER A 25 -40.91 -18.72 15.66
CA SER A 25 -40.52 -18.39 17.05
C SER A 25 -39.07 -18.63 17.29
N GLU A 26 -38.57 -19.75 16.79
CA GLU A 26 -37.13 -20.10 16.92
C GLU A 26 -36.22 -19.16 16.11
N SER A 27 -36.78 -18.53 15.05
CA SER A 27 -36.08 -17.48 14.30
C SER A 27 -36.00 -16.22 15.11
N PHE A 28 -37.13 -15.74 15.62
CA PHE A 28 -37.10 -14.52 16.45
C PHE A 28 -36.13 -14.76 17.61
N GLY A 29 -36.09 -16.03 18.05
CA GLY A 29 -35.25 -16.45 19.19
C GLY A 29 -33.76 -16.37 18.89
N ARG A 30 -33.33 -16.89 17.75
CA ARG A 30 -31.93 -16.79 17.38
C ARG A 30 -31.43 -15.37 17.08
N SER A 31 -32.24 -14.55 16.41
CA SER A 31 -31.81 -13.17 16.11
C SER A 31 -31.81 -12.36 17.39
N ALA A 32 -32.81 -12.58 18.23
CA ALA A 32 -32.83 -11.94 19.56
C ALA A 32 -31.62 -12.23 20.40
N GLN A 33 -31.07 -13.42 20.26
CA GLN A 33 -29.90 -13.79 21.06
C GLN A 33 -28.67 -13.07 20.55
N VAL A 34 -28.61 -12.89 19.23
CA VAL A 34 -27.48 -12.13 18.68
C VAL A 34 -27.53 -10.71 19.25
N MSE A 35 -28.75 -10.10 19.32
CA MSE A 35 -28.90 -8.73 19.81
C MSE A 35 -28.65 -8.56 21.33
O MSE A 35 -28.48 -7.44 21.81
CB MSE A 35 -30.28 -8.15 19.42
CG MSE A 35 -30.50 -8.02 17.93
SE MSE A 35 -28.99 -7.18 17.06
CE MSE A 35 -28.90 -5.68 18.26
N HIS A 36 -28.57 -9.66 22.09
CA HIS A 36 -28.33 -9.60 23.53
C HIS A 36 -26.91 -9.09 23.85
N ASP A 37 -25.93 -9.54 23.08
CA ASP A 37 -24.57 -9.11 23.32
C ASP A 37 -23.89 -8.85 21.96
N PRO A 38 -24.43 -7.88 21.21
CA PRO A 38 -23.96 -7.73 19.82
C PRO A 38 -22.49 -7.32 19.67
N PHE A 39 -21.89 -6.65 20.67
CA PHE A 39 -20.47 -6.31 20.58
C PHE A 39 -19.58 -7.50 20.94
N GLY A 40 -20.19 -8.51 21.59
CA GLY A 40 -19.49 -9.69 22.11
C GLY A 40 -18.35 -9.40 23.06
N GLY A 41 -17.16 -9.86 22.71
CA GLY A 41 -16.02 -9.53 23.53
C GLY A 41 -15.42 -8.16 23.29
N GLN A 42 -15.94 -7.39 22.31
CA GLN A 42 -15.24 -6.16 21.89
C GLN A 42 -16.03 -4.84 21.86
N PRO A 43 -16.55 -4.39 23.01
CA PRO A 43 -17.31 -3.15 23.00
C PRO A 43 -16.35 -1.98 23.02
N PHE A 44 -16.87 -0.78 22.86
CA PHE A 44 -15.99 0.35 22.97
C PHE A 44 -15.45 0.39 24.41
N PRO A 45 -14.19 0.83 24.60
CA PRO A 45 -13.55 0.87 25.94
C PRO A 45 -14.37 1.68 26.97
N ALA A 46 -14.57 1.08 28.17
CA ALA A 46 -14.86 1.80 29.41
C ALA A 46 -13.93 3.01 29.52
N ALA A 47 -14.49 4.20 29.68
CA ALA A 47 -13.69 5.37 29.97
C ALA A 47 -14.58 6.48 30.49
N ASN A 48 -13.99 7.31 31.33
CA ASN A 48 -14.57 8.60 31.71
C ASN A 48 -14.53 9.55 30.53
N SER A 49 -15.73 9.85 30.02
CA SER A 49 -15.92 10.45 28.70
C SER A 49 -17.34 10.93 28.72
N PRO A 50 -17.59 12.17 28.26
CA PRO A 50 -18.97 12.56 28.06
C PRO A 50 -19.71 11.66 27.09
N TRP A 51 -19.01 10.95 26.22
CA TRP A 51 -19.71 10.03 25.29
C TRP A 51 -20.08 8.67 25.86
N ALA A 52 -19.63 8.37 27.07
CA ALA A 52 -19.89 7.01 27.63
C ALA A 52 -21.33 6.53 27.46
N PRO A 53 -22.32 7.40 27.71
CA PRO A 53 -23.70 6.84 27.62
C PRO A 53 -24.08 6.36 26.17
N VAL A 54 -23.43 6.89 25.14
CA VAL A 54 -23.78 6.36 23.81
C VAL A 54 -22.69 5.45 23.32
N LEU A 55 -21.70 5.16 24.18
CA LEU A 55 -20.68 4.19 23.76
C LEU A 55 -20.99 2.76 24.29
N ALA A 56 -21.65 2.69 25.46
CA ALA A 56 -22.33 1.49 25.94
C ALA A 56 -23.23 0.94 24.81
N PRO A 61 -33.43 3.29 24.98
CA PRO A 61 -33.94 4.32 24.06
C PRO A 61 -33.01 5.54 24.10
N PHE A 62 -32.54 5.98 22.94
CA PHE A 62 -31.72 7.16 22.87
C PHE A 62 -32.72 8.33 23.10
N ASP A 63 -32.43 9.22 24.07
CA ASP A 63 -33.29 10.40 24.28
C ASP A 63 -32.62 11.67 23.74
N ALA A 64 -33.20 12.23 22.68
CA ALA A 64 -32.66 13.42 22.00
C ALA A 64 -32.33 14.58 22.94
N GLU A 65 -33.29 15.01 23.78
CA GLU A 65 -33.04 16.12 24.74
C GLU A 65 -31.85 15.77 25.70
N THR A 66 -31.84 14.59 26.29
CA THR A 66 -30.68 14.21 27.11
C THR A 66 -29.38 14.05 26.31
N ARG A 67 -29.49 13.64 25.03
CA ARG A 67 -28.25 13.44 24.25
C ARG A 67 -27.92 14.65 23.42
N ARG A 68 -28.62 15.76 23.65
CA ARG A 68 -28.42 16.96 22.86
C ARG A 68 -27.09 17.66 23.05
N VAL A 69 -26.48 18.13 21.96
CA VAL A 69 -25.25 18.90 22.05
C VAL A 69 -25.42 20.19 21.23
N SER A 70 -24.83 21.28 21.71
CA SER A 70 -24.75 22.52 20.87
C SER A 70 -23.72 22.27 19.74
N TRP A 71 -23.78 23.04 18.66
CA TRP A 71 -22.69 23.00 17.64
C TRP A 71 -21.32 23.18 18.31
N GLU A 72 -21.22 24.12 19.24
CA GLU A 72 -19.95 24.35 19.91
C GLU A 72 -19.48 23.16 20.76
N THR A 73 -20.38 22.48 21.41
CA THR A 73 -20.04 21.24 22.12
C THR A 73 -19.54 20.13 21.18
N LEU A 74 -20.23 19.97 20.04
CA LEU A 74 -19.82 18.96 19.02
C LEU A 74 -18.36 19.24 18.52
N VAL A 75 -18.06 20.52 18.29
CA VAL A 75 -16.69 20.89 17.89
C VAL A 75 -15.68 20.64 19.02
N ALA A 76 -16.07 20.87 20.25
CA ALA A 76 -15.08 20.60 21.33
C ALA A 76 -14.89 19.09 21.62
N HIS A 77 -15.97 18.31 21.53
CA HIS A 77 -15.99 16.93 22.03
C HIS A 77 -16.06 15.89 20.88
N GLY A 78 -16.43 16.35 19.71
CA GLY A 78 -16.45 15.49 18.56
C GLY A 78 -15.17 14.73 18.26
N PRO A 79 -13.98 15.38 18.37
CA PRO A 79 -12.74 14.65 18.08
C PRO A 79 -12.48 13.44 19.00
N SER A 80 -12.87 13.56 20.25
CA SER A 80 -12.80 12.44 21.17
C SER A 80 -13.63 11.25 20.67
N LEU A 81 -14.89 11.49 20.36
CA LEU A 81 -15.76 10.45 19.80
C LEU A 81 -15.21 9.84 18.49
N TYR A 82 -14.74 10.72 17.63
CA TYR A 82 -14.09 10.31 16.39
C TYR A 82 -12.92 9.34 16.67
N ARG A 83 -12.02 9.67 17.59
CA ARG A 83 -10.87 8.81 17.91
C ARG A 83 -11.33 7.43 18.50
N THR A 84 -12.33 7.47 19.36
CA THR A 84 -13.00 6.25 19.78
C THR A 84 -13.48 5.34 18.64
N PHE A 85 -14.17 5.91 17.65
CA PHE A 85 -14.61 5.16 16.50
C PHE A 85 -13.43 4.60 15.74
N ALA A 86 -12.45 5.45 15.40
CA ALA A 86 -11.37 5.04 14.51
C ALA A 86 -10.40 4.08 15.21
N GLY A 87 -10.10 4.35 16.47
CA GLY A 87 -9.20 3.53 17.26
C GLY A 87 -9.76 2.23 17.76
N ASN A 88 -11.04 1.96 17.54
CA ASN A 88 -11.66 0.65 17.92
C ASN A 88 -12.38 -0.03 16.73
N PRO A 89 -11.59 -0.57 15.79
CA PRO A 89 -12.21 -0.95 14.53
C PRO A 89 -13.24 -2.05 14.61
N ARG A 90 -13.06 -3.06 15.45
CA ARG A 90 -14.11 -4.08 15.60
C ARG A 90 -15.40 -3.50 16.19
N ALA A 91 -15.28 -2.75 17.27
CA ALA A 91 -16.40 -2.09 17.87
C ALA A 91 -17.11 -1.16 16.86
N ALA A 92 -16.36 -0.40 16.04
CA ALA A 92 -16.92 0.58 15.09
C ALA A 92 -17.66 -0.15 14.00
N SER A 93 -17.17 -1.35 13.71
CA SER A 93 -17.81 -2.15 12.69
C SER A 93 -19.18 -2.68 13.17
N THR A 94 -19.21 -3.14 14.41
CA THR A 94 -20.47 -3.58 15.02
C THR A 94 -21.46 -2.38 15.12
N ALA A 95 -20.97 -1.25 15.64
CA ALA A 95 -21.76 -0.01 15.76
C ALA A 95 -22.35 0.40 14.42
N LYS A 96 -21.53 0.36 13.37
CA LYS A 96 -21.95 0.76 12.03
C LYS A 96 -23.10 -0.05 11.56
N ALA A 97 -23.05 -1.34 11.79
CA ALA A 97 -24.03 -2.26 11.29
C ALA A 97 -25.25 -2.07 12.09
N MSE A 98 -25.17 -1.88 13.37
CA MSE A 98 -26.41 -1.68 14.15
C MSE A 98 -27.03 -0.28 13.84
O MSE A 98 -28.23 -0.17 13.72
CB MSE A 98 -26.10 -1.79 15.65
CG MSE A 98 -26.01 -3.27 16.12
SE MSE A 98 -25.26 -3.10 17.95
CE MSE A 98 -23.79 -1.97 17.69
N ARG A 99 -26.19 0.74 13.71
CA ARG A 99 -26.66 2.09 13.32
C ARG A 99 -27.40 2.03 11.99
N ASP A 100 -26.86 1.25 11.04
CA ASP A 100 -27.47 1.16 9.71
C ASP A 100 -28.91 0.65 9.81
N CYS A 101 -29.13 -0.44 10.54
CA CYS A 101 -30.48 -0.93 10.81
C CYS A 101 -31.44 0.08 11.51
N VAL A 102 -30.94 0.74 12.55
CA VAL A 102 -31.73 1.65 13.35
C VAL A 102 -32.25 2.77 12.48
N LEU A 103 -31.33 3.33 11.72
CA LEU A 103 -31.63 4.43 10.78
C LEU A 103 -32.52 3.98 9.67
N ARG A 104 -32.48 2.69 9.28
CA ARG A 104 -33.47 2.20 8.25
C ARG A 104 -34.86 1.90 8.74
N GLN A 105 -35.06 1.91 10.06
CA GLN A 105 -36.40 1.75 10.60
C GLN A 105 -36.98 2.91 11.44
N GLU A 106 -36.24 4.00 11.50
CA GLU A 106 -36.52 5.21 12.29
C GLU A 106 -37.73 5.85 11.76
N ASN A 107 -38.52 6.46 12.64
CA ASN A 107 -39.65 7.32 12.17
C ASN A 107 -39.18 8.62 11.45
N PHE A 108 -40.08 9.34 10.81
CA PHE A 108 -39.70 10.54 10.06
C PHE A 108 -38.92 11.57 10.84
N ILE A 109 -39.48 11.95 12.00
CA ILE A 109 -38.73 12.91 12.87
C ILE A 109 -37.35 12.39 13.25
N GLU A 110 -37.25 11.12 13.67
CA GLU A 110 -35.90 10.55 13.92
C GLU A 110 -34.98 10.61 12.69
N ALA A 111 -35.55 10.37 11.50
CA ALA A 111 -34.77 10.25 10.29
C ALA A 111 -34.27 11.67 9.94
N LEU A 112 -35.11 12.68 10.11
CA LEU A 112 -34.57 14.08 10.00
C LEU A 112 -33.43 14.36 10.92
N ALA A 113 -33.63 13.98 12.19
CA ALA A 113 -32.56 14.20 13.16
C ALA A 113 -31.26 13.47 12.78
N SER A 114 -31.37 12.27 12.20
CA SER A 114 -30.22 11.55 11.79
C SER A 114 -29.54 12.20 10.56
N ALA A 115 -30.32 12.78 9.63
CA ALA A 115 -29.72 13.56 8.50
C ALA A 115 -28.86 14.66 9.09
N ASP A 116 -29.41 15.46 10.03
CA ASP A 116 -28.57 16.48 10.71
C ASP A 116 -27.41 15.96 11.52
N GLU A 117 -27.64 14.86 12.22
CA GLU A 117 -26.53 14.23 12.91
C GLU A 117 -25.34 13.88 11.96
N THR A 118 -25.66 13.40 10.76
CA THR A 118 -24.67 12.95 9.82
C THR A 118 -23.98 14.19 9.24
N LEU A 119 -24.73 15.22 8.85
CA LEU A 119 -24.13 16.39 8.29
C LEU A 119 -23.36 17.25 9.29
N ALA A 120 -23.89 17.35 10.49
CA ALA A 120 -23.15 18.09 11.52
C ALA A 120 -21.83 17.37 11.86
N TRP A 121 -21.92 16.04 11.93
CA TRP A 121 -20.66 15.28 12.15
C TRP A 121 -19.61 15.53 11.05
N CYS A 122 -20.01 15.58 9.79
CA CYS A 122 -19.08 15.86 8.69
C CYS A 122 -18.52 17.24 8.75
N LYS A 123 -19.39 18.19 9.07
CA LYS A 123 -18.98 19.59 9.29
C LYS A 123 -18.00 19.68 10.41
N MSE A 124 -18.22 18.97 11.49
CA MSE A 124 -17.21 18.92 12.57
C MSE A 124 -15.87 18.33 12.09
O MSE A 124 -14.78 18.84 12.47
CB MSE A 124 -17.69 18.13 13.78
CG MSE A 124 -16.69 18.11 14.91
SE MSE A 124 -15.44 16.59 14.80
CE MSE A 124 -16.69 15.12 14.76
N CYS A 125 -15.93 17.23 11.33
CA CYS A 125 -14.74 16.58 10.77
C CYS A 125 -13.98 17.60 9.92
N ILE A 126 -14.72 18.34 9.08
CA ILE A 126 -14.13 19.33 8.20
C ILE A 126 -13.51 20.44 9.01
N HIS A 127 -14.24 20.85 10.04
CA HIS A 127 -13.72 21.89 10.92
C HIS A 127 -12.36 21.46 11.43
N HIS A 128 -12.20 20.18 11.77
CA HIS A 128 -10.94 19.80 12.39
C HIS A 128 -9.92 19.25 11.40
N ASN A 129 -10.23 19.34 10.11
CA ASN A 129 -9.47 18.64 9.06
C ASN A 129 -9.35 17.14 9.29
N LEU A 130 -10.41 16.50 9.79
CA LEU A 130 -10.34 15.04 10.02
C LEU A 130 -10.90 14.35 8.77
N PRO A 131 -10.32 13.21 8.35
CA PRO A 131 -10.88 12.68 7.08
C PRO A 131 -12.25 12.05 7.32
N LEU A 132 -13.01 11.98 6.25
CA LEU A 132 -14.34 11.45 6.21
C LEU A 132 -14.13 10.03 5.73
N ARG A 133 -14.44 9.07 6.59
CA ARG A 133 -14.09 7.68 6.31
C ARG A 133 -15.29 6.79 6.23
N PRO A 134 -15.29 5.88 5.27
CA PRO A 134 -16.30 4.85 5.10
C PRO A 134 -16.55 3.99 6.33
N GLN A 135 -15.50 3.74 7.12
CA GLN A 135 -15.63 2.94 8.35
C GLN A 135 -16.17 3.70 9.58
N ASP A 136 -16.01 5.02 9.59
CA ASP A 136 -16.69 5.87 10.55
C ASP A 136 -18.18 5.44 10.62
N PRO A 137 -18.66 5.07 11.81
CA PRO A 137 -20.08 4.62 11.84
C PRO A 137 -21.15 5.64 11.39
N ILE A 138 -20.97 6.92 11.67
CA ILE A 138 -21.95 7.95 11.24
C ILE A 138 -21.84 8.18 9.71
N ILE A 139 -20.63 8.36 9.16
CA ILE A 139 -20.48 8.62 7.73
C ILE A 139 -20.92 7.47 6.87
N GLY A 140 -20.51 6.30 7.33
CA GLY A 140 -20.78 5.08 6.59
C GLY A 140 -22.24 4.71 6.65
N THR A 141 -23.10 5.35 7.47
CA THR A 141 -24.50 4.95 7.29
C THR A 141 -25.34 6.03 6.61
N ALA A 142 -24.69 6.92 5.90
CA ALA A 142 -25.39 7.98 5.08
C ALA A 142 -26.48 7.42 4.19
N ALA A 143 -26.21 6.27 3.57
CA ALA A 143 -27.22 5.59 2.73
C ALA A 143 -28.47 5.19 3.48
N ALA A 144 -28.36 4.87 4.76
CA ALA A 144 -29.53 4.44 5.54
C ALA A 144 -30.51 5.61 5.73
N VAL A 145 -29.99 6.77 6.17
CA VAL A 145 -30.80 7.97 6.35
C VAL A 145 -31.38 8.32 4.96
N LEU A 146 -30.54 8.26 3.95
CA LEU A 146 -30.95 8.60 2.58
C LEU A 146 -32.14 7.78 2.15
N ASP A 147 -32.03 6.47 2.22
CA ASP A 147 -33.12 5.60 1.80
C ASP A 147 -34.33 5.76 2.71
N ASN A 148 -34.11 5.95 3.99
CA ASN A 148 -35.28 6.15 4.86
C ASN A 148 -36.09 7.40 4.38
N LEU A 149 -35.38 8.45 4.12
CA LEU A 149 -36.09 9.75 3.83
C LEU A 149 -36.74 9.67 2.43
N ALA A 150 -36.08 8.97 1.53
CA ALA A 150 -36.66 8.68 0.15
C ALA A 150 -37.91 7.93 0.24
N THR A 151 -37.93 6.88 1.10
CA THR A 151 -39.15 6.07 1.19
C THR A 151 -40.32 6.99 1.58
N ARG A 152 -40.13 7.75 2.64
CA ARG A 152 -41.16 8.49 3.31
C ARG A 152 -41.56 9.70 2.54
N LEU A 153 -40.59 10.35 1.88
CA LEU A 153 -40.86 11.60 1.16
C LEU A 153 -41.17 11.48 -0.30
N ARG A 154 -40.89 10.33 -0.93
CA ARG A 154 -41.06 10.22 -2.39
C ARG A 154 -42.39 10.77 -2.99
N PRO A 155 -43.57 10.36 -2.50
CA PRO A 155 -44.75 10.83 -3.25
C PRO A 155 -45.05 12.35 -3.09
N PHE A 156 -44.64 12.88 -1.95
CA PHE A 156 -44.71 14.32 -1.69
C PHE A 156 -43.71 15.09 -2.57
N LEU A 157 -42.45 14.61 -2.61
CA LEU A 157 -41.44 15.22 -3.47
C LEU A 157 -41.81 15.13 -4.95
N GLN A 158 -42.53 14.09 -5.38
CA GLN A 158 -42.90 14.04 -6.78
C GLN A 158 -43.62 15.40 -7.12
N CYS A 159 -44.50 15.85 -6.21
CA CYS A 159 -45.29 17.06 -6.45
C CYS A 159 -44.46 18.33 -6.19
N TYR A 160 -43.86 18.41 -5.02
CA TYR A 160 -43.12 19.55 -4.61
C TYR A 160 -41.96 19.92 -5.57
N LEU A 161 -41.23 18.91 -6.03
CA LEU A 161 -40.00 19.17 -6.84
C LEU A 161 -40.48 19.68 -8.22
N LYS A 162 -41.62 19.16 -8.67
CA LYS A 162 -42.17 19.73 -9.93
C LYS A 162 -42.50 21.19 -9.71
N ALA A 163 -43.14 21.50 -8.57
CA ALA A 163 -43.52 22.89 -8.25
C ALA A 163 -42.33 23.79 -8.17
N ARG A 164 -41.19 23.29 -7.72
CA ARG A 164 -39.94 24.04 -7.71
C ARG A 164 -39.21 24.13 -9.08
N GLY A 165 -39.71 23.40 -10.08
CA GLY A 165 -39.04 23.18 -11.36
C GLY A 165 -37.75 22.36 -11.27
N LEU A 166 -37.66 21.38 -10.37
CA LEU A 166 -36.33 20.69 -10.26
C LEU A 166 -36.38 19.30 -10.87
N CYS A 167 -35.24 18.60 -10.97
CA CYS A 167 -35.28 17.15 -11.41
C CYS A 167 -36.09 16.36 -10.35
N GLY A 168 -36.65 15.21 -10.73
CA GLY A 168 -37.37 14.31 -9.78
C GLY A 168 -36.35 13.70 -8.77
N LEU A 169 -36.87 13.06 -7.74
CA LEU A 169 -36.03 12.52 -6.68
C LEU A 169 -34.94 11.56 -7.25
N ASP A 170 -35.33 10.67 -8.16
CA ASP A 170 -34.40 9.68 -8.71
C ASP A 170 -33.35 10.27 -9.60
N GLU A 171 -33.71 11.25 -10.41
CA GLU A 171 -32.70 11.95 -11.22
C GLU A 171 -31.76 12.74 -10.30
N LEU A 172 -32.29 13.44 -9.30
CA LEU A 172 -31.38 14.08 -8.36
C LEU A 172 -30.27 13.12 -7.83
N CYS A 173 -30.72 12.00 -7.27
CA CYS A 173 -29.85 11.04 -6.57
C CYS A 173 -29.03 10.24 -7.55
N SER A 174 -29.45 10.24 -8.81
CA SER A 174 -28.68 9.61 -9.88
C SER A 174 -27.57 10.53 -10.45
N ARG A 175 -27.90 11.78 -10.78
CA ARG A 175 -26.88 12.74 -11.27
C ARG A 175 -25.92 13.16 -10.17
N ARG A 176 -26.45 13.33 -8.93
CA ARG A 176 -25.61 13.71 -7.78
C ARG A 176 -24.77 14.95 -8.11
N ARG A 177 -25.34 16.01 -8.67
CA ARG A 177 -24.50 17.22 -9.01
C ARG A 177 -24.78 18.36 -8.05
N LEU A 178 -23.75 18.99 -7.52
CA LEU A 178 -23.99 20.15 -6.65
C LEU A 178 -24.85 21.24 -7.33
N ALA A 179 -24.68 21.33 -8.66
CA ALA A 179 -25.32 22.41 -9.46
C ALA A 179 -26.81 22.15 -9.56
N ASP A 180 -27.26 20.95 -9.14
CA ASP A 180 -28.71 20.66 -9.08
C ASP A 180 -29.37 21.14 -7.78
N ILE A 181 -28.56 21.41 -6.77
CA ILE A 181 -29.08 21.83 -5.45
C ILE A 181 -29.60 23.27 -5.60
N LYS A 182 -30.91 23.45 -5.39
CA LYS A 182 -31.64 24.73 -5.51
C LYS A 182 -32.53 25.03 -4.30
N ASP A 183 -32.63 24.07 -3.37
CA ASP A 183 -33.46 24.22 -2.16
C ASP A 183 -33.01 23.18 -1.08
N ILE A 184 -33.80 23.07 -0.02
CA ILE A 184 -33.41 22.21 1.10
C ILE A 184 -33.58 20.72 0.77
N ALA A 185 -34.67 20.38 0.08
CA ALA A 185 -34.92 19.01 -0.36
C ALA A 185 -33.89 18.51 -1.33
N SER A 186 -33.61 19.26 -2.39
CA SER A 186 -32.51 18.85 -3.27
C SER A 186 -31.21 18.80 -2.52
N PHE A 187 -30.99 19.73 -1.60
CA PHE A 187 -29.74 19.72 -0.81
C PHE A 187 -29.61 18.40 -0.04
N VAL A 188 -30.64 18.02 0.72
CA VAL A 188 -30.51 16.85 1.62
C VAL A 188 -30.29 15.61 0.77
N PHE A 189 -31.07 15.49 -0.30
CA PHE A 189 -30.97 14.29 -1.15
C PHE A 189 -29.74 14.22 -1.99
N VAL A 190 -29.38 15.34 -2.62
CA VAL A 190 -28.12 15.29 -3.41
C VAL A 190 -26.87 15.08 -2.54
N ILE A 191 -26.77 15.80 -1.43
CA ILE A 191 -25.58 15.64 -0.63
C ILE A 191 -25.48 14.22 -0.01
N LEU A 192 -26.61 13.68 0.48
CA LEU A 192 -26.58 12.38 1.11
C LEU A 192 -26.31 11.31 0.06
N ALA A 193 -26.90 11.44 -1.17
CA ALA A 193 -26.58 10.54 -2.25
C ALA A 193 -25.12 10.59 -2.66
N ARG A 194 -24.51 11.81 -2.77
CA ARG A 194 -23.08 11.87 -3.07
C ARG A 194 -22.37 11.13 -1.99
N LEU A 195 -22.73 11.39 -0.72
CA LEU A 195 -21.91 10.90 0.37
C LEU A 195 -22.05 9.37 0.43
N ALA A 196 -23.26 8.84 0.23
CA ALA A 196 -23.49 7.40 0.24
C ALA A 196 -22.71 6.68 -0.90
N ASN A 197 -22.65 7.36 -2.06
CA ASN A 197 -21.95 6.83 -3.23
C ASN A 197 -20.43 6.71 -2.94
N ARG A 198 -19.86 7.67 -2.24
CA ARG A 198 -18.44 7.65 -1.98
C ARG A 198 -18.11 6.60 -0.90
N VAL A 199 -19.07 6.39 0.01
CA VAL A 199 -18.98 5.30 0.99
C VAL A 199 -19.00 3.94 0.31
N GLU A 200 -20.00 3.71 -0.57
CA GLU A 200 -20.15 2.44 -1.26
C GLU A 200 -18.90 2.17 -2.12
N ARG A 201 -18.30 3.24 -2.67
CA ARG A 201 -17.08 3.04 -3.45
C ARG A 201 -15.91 2.65 -2.57
N GLY A 202 -15.97 2.94 -1.27
CA GLY A 202 -14.89 2.55 -0.33
C GLY A 202 -13.57 3.33 -0.54
N VAL A 203 -13.65 4.61 -0.89
CA VAL A 203 -12.47 5.48 -0.91
C VAL A 203 -11.94 5.55 0.54
N ALA A 204 -10.65 5.44 0.76
CA ALA A 204 -10.14 5.55 2.12
C ALA A 204 -10.55 6.89 2.78
N GLU A 205 -10.30 7.99 2.07
CA GLU A 205 -10.81 9.26 2.56
C GLU A 205 -11.67 9.97 1.51
N ILE A 206 -12.81 10.46 1.97
CA ILE A 206 -13.84 11.00 1.11
C ILE A 206 -13.61 12.50 1.03
N ASP A 207 -13.44 12.96 -0.20
CA ASP A 207 -13.13 14.34 -0.52
C ASP A 207 -14.18 15.35 0.04
N TYR A 208 -13.74 16.41 0.69
CA TYR A 208 -14.69 17.38 1.24
C TYR A 208 -15.65 17.89 0.18
N ALA A 209 -15.20 17.87 -1.09
CA ALA A 209 -16.06 18.32 -2.22
C ALA A 209 -17.32 17.51 -2.37
N THR A 210 -17.27 16.24 -2.00
CA THR A 210 -18.49 15.43 -1.83
C THR A 210 -19.61 16.19 -1.09
N LEU A 211 -19.27 16.94 -0.03
CA LEU A 211 -20.21 17.78 0.71
C LEU A 211 -20.41 19.22 0.16
N GLY A 212 -19.79 19.52 -0.99
CA GLY A 212 -19.85 20.84 -1.60
C GLY A 212 -18.89 21.74 -0.91
N VAL A 213 -17.88 21.15 -0.31
CA VAL A 213 -16.91 21.94 0.39
C VAL A 213 -15.60 21.97 -0.36
N GLY A 214 -15.15 23.20 -0.68
CA GLY A 214 -13.85 23.42 -1.39
C GLY A 214 -12.65 23.39 -0.46
N VAL A 215 -11.44 23.52 -1.03
CA VAL A 215 -10.18 23.41 -0.27
C VAL A 215 -10.11 24.52 0.80
N GLY A 216 -9.84 24.20 2.06
CA GLY A 216 -9.80 25.19 3.14
C GLY A 216 -11.14 25.84 3.54
N GLU A 217 -12.25 25.41 2.94
CA GLU A 217 -13.60 25.91 3.28
C GLU A 217 -14.24 25.13 4.48
N LYS A 218 -15.41 25.58 4.94
CA LYS A 218 -15.94 25.15 6.25
C LYS A 218 -17.42 24.79 6.24
N MSE A 219 -18.04 24.78 5.06
CA MSE A 219 -19.45 24.37 4.97
C MSE A 219 -20.41 25.37 5.68
O MSE A 219 -21.40 24.96 6.41
CB MSE A 219 -19.62 22.93 5.52
CG MSE A 219 -20.78 22.17 4.89
SE MSE A 219 -21.17 20.39 5.72
CE MSE A 219 -22.46 19.83 4.44
N HIS A 220 -20.16 26.68 5.48
CA HIS A 220 -20.95 27.72 6.12
C HIS A 220 -22.39 27.69 5.73
N PHE A 221 -22.68 27.16 4.54
CA PHE A 221 -24.08 27.01 4.06
C PHE A 221 -24.99 25.94 4.77
N TYR A 222 -24.37 25.05 5.58
CA TYR A 222 -25.13 24.02 6.32
C TYR A 222 -25.13 24.45 7.78
N LEU A 223 -26.30 24.64 8.33
CA LEU A 223 -26.49 24.88 9.77
C LEU A 223 -27.08 23.60 10.42
N PRO A 224 -26.49 23.12 11.54
CA PRO A 224 -27.05 21.93 12.17
C PRO A 224 -28.52 22.15 12.53
N GLY A 225 -29.37 21.28 12.03
CA GLY A 225 -30.81 21.38 12.28
C GLY A 225 -31.53 21.76 10.99
N ALA A 226 -30.78 22.14 9.94
CA ALA A 226 -31.40 22.60 8.68
C ALA A 226 -32.19 21.54 8.02
N CYS A 227 -31.74 20.25 8.05
CA CYS A 227 -32.59 19.20 7.42
C CYS A 227 -33.92 19.11 8.12
N MSE A 228 -33.89 19.05 9.44
CA MSE A 228 -35.16 18.98 10.17
C MSE A 228 -36.01 20.23 9.95
O MSE A 228 -37.15 20.14 9.56
CB MSE A 228 -34.93 18.76 11.66
CG MSE A 228 -36.24 18.36 12.36
SE MSE A 228 -35.81 18.26 14.23
CE MSE A 228 -35.59 16.34 14.31
N ALA A 229 -35.44 21.39 10.23
CA ALA A 229 -36.25 22.61 10.16
C ALA A 229 -36.78 22.77 8.75
N GLY A 230 -35.95 22.55 7.75
CA GLY A 230 -36.35 22.89 6.39
C GLY A 230 -37.30 21.93 5.78
N LEU A 231 -37.14 20.65 6.09
CA LEU A 231 -38.08 19.72 5.47
C LEU A 231 -39.45 19.79 6.16
N ILE A 232 -39.48 19.98 7.46
CA ILE A 232 -40.79 20.14 8.11
C ILE A 232 -41.50 21.39 7.52
N GLU A 233 -40.73 22.45 7.29
CA GLU A 233 -41.30 23.68 6.77
C GLU A 233 -41.91 23.43 5.40
N ILE A 234 -41.25 22.66 4.53
CA ILE A 234 -41.83 22.49 3.18
C ILE A 234 -43.07 21.64 3.21
N LEU A 235 -43.08 20.58 4.06
CA LEU A 235 -44.29 19.79 4.30
C LEU A 235 -45.44 20.71 4.76
N ASP A 236 -45.13 21.69 5.60
CA ASP A 236 -46.12 22.67 5.96
C ASP A 236 -46.60 23.65 4.83
N THR A 237 -45.68 24.30 4.12
CA THR A 237 -46.03 25.48 3.33
C THR A 237 -46.34 25.13 1.87
N HIS A 238 -45.98 23.93 1.39
CA HIS A 238 -46.27 23.57 0.01
C HIS A 238 -47.78 23.56 -0.30
N ARG A 239 -48.59 23.23 0.69
CA ARG A 239 -50.02 23.15 0.49
C ARG A 239 -50.60 24.55 0.12
N GLN A 240 -49.85 25.62 0.43
CA GLN A 240 -50.26 26.99 0.08
C GLN A 240 -50.14 27.23 -1.40
N GLU A 241 -49.19 26.55 -2.07
CA GLU A 241 -49.01 26.67 -3.52
C GLU A 241 -49.65 25.53 -4.34
N CYS A 242 -50.34 24.60 -3.69
CA CYS A 242 -50.67 23.38 -4.39
C CYS A 242 -52.13 23.12 -4.15
N SER A 243 -52.90 22.92 -5.23
CA SER A 243 -54.34 22.69 -5.08
C SER A 243 -54.74 21.17 -4.91
N SER A 244 -53.78 20.28 -4.81
CA SER A 244 -54.10 18.85 -4.64
C SER A 244 -54.42 18.46 -3.18
N ARG A 245 -55.65 17.99 -2.96
CA ARG A 245 -56.11 17.39 -1.70
C ARG A 245 -55.27 16.14 -1.34
N VAL A 246 -54.97 15.28 -2.32
CA VAL A 246 -54.12 14.09 -2.04
C VAL A 246 -52.75 14.51 -1.57
N CYS A 247 -52.17 15.58 -2.18
CA CYS A 247 -50.82 16.02 -1.79
C CYS A 247 -50.88 16.50 -0.33
N GLU A 248 -51.94 17.27 -0.03
CA GLU A 248 -52.14 17.85 1.31
C GLU A 248 -52.29 16.71 2.32
N LEU A 249 -53.04 15.68 1.92
CA LEU A 249 -53.18 14.51 2.81
C LEU A 249 -51.83 13.82 3.08
N THR A 250 -51.10 13.67 1.99
CA THR A 250 -49.76 13.11 2.03
C THR A 250 -48.84 13.88 2.94
N ALA A 251 -48.79 15.18 2.76
CA ALA A 251 -47.89 15.97 3.59
C ALA A 251 -48.30 15.90 5.08
N SER A 252 -49.63 15.94 5.30
CA SER A 252 -50.18 16.01 6.60
C SER A 252 -49.92 14.72 7.36
N HIS A 253 -50.12 13.62 6.66
CA HIS A 253 -49.96 12.32 7.27
C HIS A 253 -48.47 12.06 7.50
N ILE A 254 -47.56 12.53 6.64
CA ILE A 254 -46.15 12.47 7.01
C ILE A 254 -45.81 13.18 8.33
N VAL A 255 -46.34 14.41 8.51
CA VAL A 255 -46.13 15.17 9.74
C VAL A 255 -46.84 14.57 10.94
N ALA A 256 -48.01 13.97 10.72
CA ALA A 256 -48.86 13.45 11.80
C ALA A 256 -49.14 11.99 11.51
N PRO A 257 -48.24 11.10 11.92
CA PRO A 257 -48.34 9.68 11.57
C PRO A 257 -49.31 8.77 12.33
N PRO A 258 -49.89 9.18 13.49
CA PRO A 258 -50.89 8.15 13.99
C PRO A 258 -51.77 7.48 12.96
N TYR A 259 -51.79 6.16 12.94
CA TYR A 259 -52.74 5.40 12.11
C TYR A 259 -54.22 5.86 12.20
N VAL A 260 -54.89 5.94 11.06
CA VAL A 260 -56.28 6.33 11.00
C VAL A 260 -57.03 5.37 10.12
N HIS A 261 -56.44 5.10 8.96
CA HIS A 261 -57.12 4.30 7.92
C HIS A 261 -56.05 3.80 6.92
N GLY A 262 -56.32 2.71 6.23
CA GLY A 262 -55.42 2.32 5.13
C GLY A 262 -55.08 0.82 5.08
N LYS A 263 -55.46 0.03 6.10
CA LYS A 263 -55.03 -1.37 6.25
C LYS A 263 -56.34 -2.08 6.26
N TYR A 264 -56.43 -3.21 5.54
CA TYR A 264 -57.71 -3.85 5.32
C TYR A 264 -57.87 -5.25 5.88
N PHE A 265 -56.81 -6.04 5.76
CA PHE A 265 -56.89 -7.46 6.18
C PHE A 265 -55.51 -8.02 6.32
N TYR A 266 -55.43 -9.16 6.98
CA TYR A 266 -54.20 -9.90 7.13
C TYR A 266 -54.60 -11.29 6.64
N CYS A 267 -53.84 -11.84 5.67
CA CYS A 267 -54.13 -13.19 5.09
C CYS A 267 -52.79 -13.96 5.03
N ASN A 268 -52.76 -15.05 5.80
CA ASN A 268 -51.55 -15.84 5.87
C ASN A 268 -52.01 -17.30 5.98
N SER A 269 -51.84 -18.01 4.87
CA SER A 269 -52.35 -19.35 4.64
C SER A 269 -51.36 -20.40 5.14
N LEU A 270 -50.18 -19.97 5.53
CA LEU A 270 -49.06 -20.92 5.73
C LEU A 270 -48.86 -21.22 7.18
N PHE A 271 -49.20 -20.24 8.01
CA PHE A 271 -49.11 -20.41 9.45
C PHE A 271 -49.97 -19.42 10.25
N ASP B 2 7.32 -4.62 -33.92
CA ASP B 2 7.50 -4.07 -32.51
C ASP B 2 8.67 -3.09 -32.45
N THR B 3 8.39 -1.86 -32.07
CA THR B 3 9.44 -0.85 -32.13
C THR B 3 9.15 0.34 -31.22
N ILE B 4 10.18 1.13 -30.94
CA ILE B 4 10.02 2.36 -30.19
C ILE B 4 9.61 3.40 -31.22
N ASP B 5 8.38 3.89 -31.09
CA ASP B 5 7.81 4.81 -32.07
C ASP B 5 8.62 6.10 -32.22
N ALA B 6 8.43 6.78 -33.36
CA ALA B 6 9.24 7.95 -33.71
C ALA B 6 9.06 9.14 -32.75
N THR B 7 7.84 9.38 -32.29
CA THR B 7 7.62 10.51 -31.37
C THR B 7 8.25 10.22 -30.01
N THR B 8 8.11 8.96 -29.57
CA THR B 8 8.65 8.53 -28.29
C THR B 8 10.17 8.76 -28.32
N ARG B 9 10.83 8.44 -29.43
CA ARG B 9 12.27 8.68 -29.56
C ARG B 9 12.67 10.14 -29.35
N LEU B 10 11.81 11.06 -29.79
CA LEU B 10 12.07 12.46 -29.67
C LEU B 10 11.78 12.90 -28.27
N VAL B 11 10.75 12.35 -27.64
CA VAL B 11 10.55 12.59 -26.19
C VAL B 11 11.79 12.17 -25.37
N LEU B 12 12.33 10.98 -25.65
CA LEU B 12 13.48 10.50 -24.88
C LEU B 12 14.69 11.41 -25.06
N ARG B 13 14.97 11.77 -26.32
CA ARG B 13 16.09 12.63 -26.59
C ARG B 13 15.84 14.02 -26.02
N SER B 14 14.56 14.42 -25.89
CA SER B 14 14.25 15.75 -25.35
C SER B 14 14.65 16.04 -23.91
N ILE B 15 14.90 15.00 -23.10
CA ILE B 15 15.42 15.19 -21.76
C ILE B 15 16.66 16.11 -21.75
N SER B 16 17.50 16.05 -22.78
CA SER B 16 18.69 16.93 -22.86
C SER B 16 18.32 18.42 -22.94
N GLU B 17 17.08 18.69 -23.39
CA GLU B 17 16.64 20.06 -23.52
C GLU B 17 16.45 20.65 -22.14
N ARG B 18 16.14 19.79 -21.16
CA ARG B 18 15.75 20.33 -19.85
C ARG B 18 16.75 20.03 -18.73
N ALA B 19 17.52 18.96 -18.89
CA ALA B 19 18.31 18.47 -17.77
C ALA B 19 19.51 19.39 -17.43
N ALA B 20 19.67 19.76 -16.16
CA ALA B 20 20.69 20.74 -15.80
C ALA B 20 20.88 20.73 -14.30
N VAL B 21 22.07 21.08 -13.82
CA VAL B 21 22.38 20.94 -12.40
C VAL B 21 21.47 21.78 -11.54
N ASP B 22 21.14 23.00 -11.98
CA ASP B 22 20.30 23.81 -11.11
C ASP B 22 18.85 23.32 -11.07
N ARG B 23 18.35 22.72 -12.17
CA ARG B 23 17.09 21.96 -12.22
C ARG B 23 17.04 20.75 -11.26
N ILE B 24 18.06 19.88 -11.30
CA ILE B 24 18.18 18.80 -10.30
C ILE B 24 18.24 19.39 -8.87
N SER B 25 19.04 20.44 -8.72
CA SER B 25 19.20 21.08 -7.43
C SER B 25 17.87 21.56 -6.79
N GLU B 26 17.04 22.22 -7.59
CA GLU B 26 15.73 22.72 -7.13
C GLU B 26 14.74 21.59 -6.84
N SER B 27 14.79 20.50 -7.62
CA SER B 27 14.08 19.25 -7.29
C SER B 27 14.45 18.74 -5.91
N PHE B 28 15.75 18.53 -5.64
CA PHE B 28 16.18 18.03 -4.36
C PHE B 28 15.51 18.90 -3.30
N GLY B 29 15.49 20.21 -3.56
CA GLY B 29 14.96 21.23 -2.63
C GLY B 29 13.47 21.20 -2.38
N ARG B 30 12.68 21.03 -3.43
CA ARG B 30 11.25 20.81 -3.29
C ARG B 30 10.94 19.53 -2.45
N SER B 31 11.57 18.39 -2.80
CA SER B 31 11.33 17.13 -2.06
C SER B 31 11.84 17.25 -0.62
N ALA B 32 12.98 17.90 -0.43
CA ALA B 32 13.51 18.07 0.92
C ALA B 32 12.62 18.95 1.77
N GLN B 33 11.93 19.89 1.13
CA GLN B 33 10.98 20.71 1.85
C GLN B 33 9.69 19.91 2.27
N VAL B 34 9.16 19.06 1.40
CA VAL B 34 8.12 18.16 1.82
C VAL B 34 8.57 17.40 3.12
N MSE B 35 9.83 17.01 3.21
CA MSE B 35 10.25 16.05 4.22
C MSE B 35 10.56 16.77 5.53
O MSE B 35 10.84 16.11 6.55
CB MSE B 35 11.49 15.27 3.77
CG MSE B 35 11.28 14.22 2.69
SE MSE B 35 9.74 13.06 3.05
CE MSE B 35 10.40 12.55 4.77
N HIS B 36 10.54 18.09 5.49
CA HIS B 36 10.84 18.91 6.63
C HIS B 36 9.72 18.81 7.63
N ASP B 37 8.49 18.84 7.12
CA ASP B 37 7.34 18.82 8.00
C ASP B 37 6.30 17.83 7.47
N PRO B 38 6.68 16.55 7.31
CA PRO B 38 5.83 15.61 6.61
C PRO B 38 4.44 15.37 7.24
N PHE B 39 4.30 15.52 8.56
CA PHE B 39 2.96 15.32 9.13
C PHE B 39 2.01 16.55 8.94
N GLY B 40 2.58 17.68 8.52
CA GLY B 40 1.81 18.95 8.36
C GLY B 40 1.43 19.36 9.77
N GLY B 41 0.22 19.83 9.94
CA GLY B 41 -0.15 20.07 11.31
C GLY B 41 -0.88 18.89 11.90
N GLN B 42 -0.62 17.65 11.43
CA GLN B 42 -1.35 16.49 11.99
C GLN B 42 -0.49 15.27 12.40
N PRO B 43 0.43 15.50 13.35
CA PRO B 43 1.30 14.42 13.80
C PRO B 43 0.48 13.50 14.71
N PHE B 44 1.04 12.38 15.13
CA PHE B 44 0.39 11.49 16.10
C PHE B 44 0.43 12.26 17.43
N PRO B 45 -0.69 12.26 18.23
CA PRO B 45 -0.64 12.67 19.65
C PRO B 45 0.29 11.74 20.41
N ALA B 46 1.13 12.28 21.26
CA ALA B 46 2.11 11.44 21.90
C ALA B 46 2.11 11.61 23.41
N ALA B 47 1.40 12.61 23.92
CA ALA B 47 1.50 12.94 25.36
C ALA B 47 1.30 11.64 26.19
N ASN B 48 2.11 11.41 27.22
CA ASN B 48 2.05 10.19 28.11
C ASN B 48 2.09 8.75 27.47
N SER B 49 2.29 8.65 26.15
CA SER B 49 2.48 7.33 25.51
C SER B 49 3.89 6.80 25.72
N PRO B 50 4.04 5.50 26.05
CA PRO B 50 5.44 4.99 26.13
C PRO B 50 6.19 4.97 24.76
N TRP B 51 5.41 5.03 23.68
CA TRP B 51 5.88 5.02 22.30
C TRP B 51 6.27 6.42 21.75
N ALA B 52 6.26 7.41 22.64
CA ALA B 52 6.47 8.80 22.24
C ALA B 52 7.75 8.99 21.42
N PRO B 53 8.86 8.34 21.82
CA PRO B 53 10.05 8.56 21.00
C PRO B 53 9.89 8.12 19.52
N VAL B 54 9.00 7.18 19.20
CA VAL B 54 8.84 6.74 17.77
C VAL B 54 7.60 7.33 17.12
N LEU B 55 6.82 8.10 17.88
CA LEU B 55 5.64 8.79 17.31
C LEU B 55 5.91 10.25 16.84
N ALA B 56 6.89 10.93 17.44
CA ALA B 56 7.06 12.42 17.36
C ALA B 56 7.06 13.07 15.94
N PRO B 61 17.18 9.07 12.59
CA PRO B 61 18.14 8.50 13.53
C PRO B 61 17.63 7.27 14.35
N PHE B 62 16.93 6.30 13.73
CA PHE B 62 16.42 5.11 14.48
C PHE B 62 17.58 4.20 14.98
N ASP B 63 17.80 4.16 16.30
CA ASP B 63 18.79 3.26 16.96
C ASP B 63 18.13 1.94 17.43
N ALA B 64 18.54 0.81 16.87
CA ALA B 64 17.92 -0.50 17.16
C ALA B 64 18.09 -0.82 18.64
N GLU B 65 19.29 -0.53 19.18
CA GLU B 65 19.56 -0.68 20.62
C GLU B 65 18.53 0.05 21.49
N THR B 66 18.39 1.37 21.35
CA THR B 66 17.52 2.09 22.30
C THR B 66 16.04 1.87 22.01
N ARG B 67 15.73 1.32 20.83
CA ARG B 67 14.34 1.02 20.42
C ARG B 67 13.91 -0.44 20.63
N ARG B 68 14.69 -1.15 21.42
CA ARG B 68 14.47 -2.58 21.54
C ARG B 68 13.39 -2.84 22.53
N VAL B 69 12.53 -3.78 22.25
CA VAL B 69 11.59 -4.23 23.27
C VAL B 69 11.68 -5.76 23.36
N SER B 70 11.37 -6.30 24.53
CA SER B 70 11.27 -7.74 24.66
C SER B 70 9.88 -8.06 24.12
N TRP B 71 9.65 -9.33 23.76
CA TRP B 71 8.35 -9.84 23.39
C TRP B 71 7.25 -9.49 24.39
N GLU B 72 7.59 -9.53 25.67
CA GLU B 72 6.58 -9.29 26.73
C GLU B 72 6.24 -7.80 26.80
N THR B 73 7.23 -6.94 26.65
CA THR B 73 6.97 -5.48 26.54
C THR B 73 6.03 -5.22 25.36
N LEU B 74 6.22 -5.93 24.24
CA LEU B 74 5.35 -5.73 23.05
C LEU B 74 3.96 -6.20 23.29
N VAL B 75 3.86 -7.33 23.99
CA VAL B 75 2.54 -7.79 24.34
C VAL B 75 1.85 -6.76 25.26
N ALA B 76 2.58 -6.26 26.25
CA ALA B 76 2.00 -5.32 27.25
C ALA B 76 1.70 -3.94 26.63
N HIS B 77 2.60 -3.41 25.81
CA HIS B 77 2.49 -2.03 25.35
C HIS B 77 2.04 -1.86 23.87
N GLY B 78 2.02 -2.94 23.08
CA GLY B 78 1.63 -2.83 21.67
C GLY B 78 0.20 -2.38 21.44
N PRO B 79 -0.73 -2.81 22.30
CA PRO B 79 -2.07 -2.37 22.08
C PRO B 79 -2.23 -0.84 22.12
N SER B 80 -1.43 -0.16 22.92
CA SER B 80 -1.45 1.30 22.97
C SER B 80 -0.91 1.99 21.69
N LEU B 81 0.18 1.48 21.12
CA LEU B 81 0.65 1.91 19.82
C LEU B 81 -0.39 1.59 18.78
N TYR B 82 -1.00 0.40 18.90
CA TYR B 82 -1.97 -0.03 17.93
C TYR B 82 -3.15 0.97 17.95
N ARG B 83 -3.60 1.35 19.13
CA ARG B 83 -4.71 2.38 19.24
C ARG B 83 -4.30 3.74 18.69
N THR B 84 -3.06 4.12 18.91
CA THR B 84 -2.51 5.35 18.35
C THR B 84 -2.62 5.31 16.80
N PHE B 85 -2.21 4.17 16.21
CA PHE B 85 -2.33 3.97 14.80
C PHE B 85 -3.76 4.08 14.30
N ALA B 86 -4.65 3.30 14.92
CA ALA B 86 -5.98 3.14 14.43
C ALA B 86 -6.77 4.44 14.62
N GLY B 87 -6.51 5.11 15.75
CA GLY B 87 -7.32 6.23 16.17
C GLY B 87 -6.96 7.56 15.53
N ASN B 88 -5.87 7.55 14.75
CA ASN B 88 -5.35 8.74 14.11
C ASN B 88 -5.16 8.45 12.64
N PRO B 89 -6.27 8.30 11.86
CA PRO B 89 -6.17 7.88 10.47
C PRO B 89 -5.17 8.69 9.62
N ARG B 90 -5.17 10.03 9.76
CA ARG B 90 -4.36 10.84 8.87
C ARG B 90 -2.87 10.66 9.16
N ALA B 91 -2.50 10.82 10.44
CA ALA B 91 -1.17 10.57 10.84
C ALA B 91 -0.76 9.12 10.45
N ALA B 92 -1.64 8.12 10.60
CA ALA B 92 -1.25 6.73 10.20
C ALA B 92 -0.96 6.60 8.74
N SER B 93 -1.82 7.20 7.92
CA SER B 93 -1.64 7.33 6.50
C SER B 93 -0.29 7.98 6.14
N THR B 94 0.08 9.01 6.86
CA THR B 94 1.35 9.66 6.58
C THR B 94 2.53 8.71 6.95
N ALA B 95 2.44 8.16 8.17
CA ALA B 95 3.39 7.17 8.72
C ALA B 95 3.60 5.98 7.80
N LYS B 96 2.52 5.45 7.24
CA LYS B 96 2.57 4.33 6.32
C LYS B 96 3.34 4.58 4.99
N ALA B 97 3.30 5.81 4.50
CA ALA B 97 3.85 6.17 3.23
C ALA B 97 5.31 6.35 3.44
N MSE B 98 5.68 6.99 4.55
CA MSE B 98 7.08 7.17 4.92
C MSE B 98 7.75 5.84 5.31
O MSE B 98 8.88 5.56 4.88
CB MSE B 98 7.21 8.18 6.05
CG MSE B 98 6.81 9.66 5.60
SE MSE B 98 6.62 10.60 7.32
CE MSE B 98 8.47 10.91 7.36
N ARG B 99 7.07 5.03 6.14
CA ARG B 99 7.57 3.71 6.43
C ARG B 99 7.84 2.91 5.15
N ASP B 100 6.90 2.97 4.19
CA ASP B 100 7.07 2.21 3.00
C ASP B 100 8.40 2.54 2.30
N CYS B 101 8.67 3.84 2.17
CA CYS B 101 9.92 4.30 1.54
C CYS B 101 11.17 3.83 2.29
N VAL B 102 11.14 3.94 3.64
CA VAL B 102 12.22 3.55 4.50
C VAL B 102 12.58 2.07 4.26
N LEU B 103 11.55 1.22 4.22
CA LEU B 103 11.70 -0.24 4.12
C LEU B 103 12.14 -0.64 2.74
N ARG B 104 11.73 0.11 1.72
CA ARG B 104 12.23 -0.11 0.34
C ARG B 104 13.69 0.38 0.14
N GLN B 105 14.30 1.03 1.11
CA GLN B 105 15.71 1.41 0.91
C GLN B 105 16.64 0.91 2.02
N GLU B 106 16.09 0.14 2.96
CA GLU B 106 16.87 -0.36 4.09
C GLU B 106 17.94 -1.30 3.60
N ASN B 107 19.03 -1.38 4.34
CA ASN B 107 20.10 -2.39 4.08
C ASN B 107 19.65 -3.80 4.57
N PHE B 108 20.48 -4.80 4.29
CA PHE B 108 20.08 -6.17 4.50
C PHE B 108 19.67 -6.43 5.92
N ILE B 109 20.54 -6.08 6.84
CA ILE B 109 20.26 -6.36 8.26
C ILE B 109 19.03 -5.59 8.74
N GLU B 110 18.93 -4.33 8.27
CA GLU B 110 17.71 -3.56 8.56
C GLU B 110 16.45 -4.19 8.09
N ALA B 111 16.49 -4.74 6.88
CA ALA B 111 15.33 -5.36 6.27
C ALA B 111 14.88 -6.63 7.06
N LEU B 112 15.86 -7.43 7.53
CA LEU B 112 15.49 -8.60 8.36
C LEU B 112 14.85 -8.07 9.63
N ALA B 113 15.38 -7.03 10.23
CA ALA B 113 14.74 -6.50 11.43
C ALA B 113 13.28 -6.04 11.12
N SER B 114 13.07 -5.41 9.96
CA SER B 114 11.72 -5.04 9.53
C SER B 114 10.82 -6.24 9.30
N ALA B 115 11.35 -7.31 8.72
CA ALA B 115 10.54 -8.53 8.64
C ALA B 115 10.12 -8.99 10.05
N ASP B 116 11.08 -9.08 10.96
CA ASP B 116 10.71 -9.49 12.34
C ASP B 116 9.78 -8.51 13.06
N GLU B 117 9.98 -7.22 12.78
CA GLU B 117 9.05 -6.20 13.27
C GLU B 117 7.61 -6.40 12.83
N THR B 118 7.43 -6.65 11.53
CA THR B 118 6.15 -6.97 10.96
C THR B 118 5.61 -8.26 11.61
N LEU B 119 6.38 -9.33 11.67
CA LEU B 119 5.76 -10.53 12.13
C LEU B 119 5.50 -10.52 13.65
N ALA B 120 6.41 -9.93 14.44
CA ALA B 120 6.15 -9.82 15.87
C ALA B 120 4.90 -8.94 16.16
N TRP B 121 4.72 -7.87 15.36
CA TRP B 121 3.52 -7.03 15.49
C TRP B 121 2.33 -7.83 15.18
N CYS B 122 2.39 -8.61 14.10
CA CYS B 122 1.26 -9.43 13.74
C CYS B 122 0.91 -10.45 14.85
N LYS B 123 1.93 -11.10 15.41
CA LYS B 123 1.78 -12.03 16.56
C LYS B 123 1.11 -11.33 17.78
N MSE B 124 1.53 -10.11 18.09
CA MSE B 124 0.92 -9.31 19.17
C MSE B 124 -0.55 -9.09 18.90
O MSE B 124 -1.42 -9.38 19.78
CB MSE B 124 1.70 -7.99 19.35
CG MSE B 124 1.26 -7.08 20.51
SE MSE B 124 -0.31 -6.06 20.04
CE MSE B 124 0.67 -5.02 18.66
N CYS B 125 -0.89 -8.64 17.68
CA CYS B 125 -2.28 -8.47 17.32
C CYS B 125 -3.11 -9.77 17.56
N ILE B 126 -2.60 -10.89 17.07
CA ILE B 126 -3.26 -12.19 17.24
C ILE B 126 -3.42 -12.45 18.73
N HIS B 127 -2.35 -12.22 19.50
CA HIS B 127 -2.40 -12.44 20.92
C HIS B 127 -3.58 -11.76 21.58
N HIS B 128 -3.92 -10.56 21.11
CA HIS B 128 -4.91 -9.72 21.76
C HIS B 128 -6.18 -9.74 21.02
N ASN B 129 -6.22 -10.63 20.05
CA ASN B 129 -7.31 -10.63 19.13
C ASN B 129 -7.62 -9.26 18.43
N LEU B 130 -6.59 -8.50 18.05
CA LEU B 130 -6.80 -7.25 17.34
C LEU B 130 -6.80 -7.54 15.84
N PRO B 131 -7.59 -6.78 15.06
CA PRO B 131 -7.65 -7.13 13.66
C PRO B 131 -6.36 -6.67 12.95
N LEU B 132 -6.04 -7.30 11.82
CA LEU B 132 -4.87 -6.97 11.04
C LEU B 132 -5.39 -6.15 9.91
N ARG B 133 -4.99 -4.89 9.85
CA ARG B 133 -5.76 -3.93 9.04
C ARG B 133 -4.80 -3.41 7.98
N PRO B 134 -5.21 -3.36 6.68
CA PRO B 134 -4.34 -2.81 5.65
C PRO B 134 -3.88 -1.41 5.93
N GLN B 135 -4.69 -0.59 6.61
CA GLN B 135 -4.30 0.77 7.02
C GLN B 135 -3.29 0.89 8.17
N ASP B 136 -3.09 -0.19 8.92
CA ASP B 136 -2.11 -0.18 10.02
C ASP B 136 -0.72 0.09 9.35
N PRO B 137 0.11 1.07 9.84
CA PRO B 137 1.40 1.34 9.10
C PRO B 137 2.36 0.12 8.99
N ILE B 138 2.51 -0.63 10.06
CA ILE B 138 3.37 -1.82 10.07
C ILE B 138 2.85 -2.92 9.15
N ILE B 139 1.56 -3.27 9.29
CA ILE B 139 0.99 -4.28 8.43
C ILE B 139 0.94 -3.93 6.97
N GLY B 140 0.60 -2.66 6.71
CA GLY B 140 0.32 -2.23 5.32
C GLY B 140 1.59 -2.08 4.48
N THR B 141 2.78 -2.17 5.09
CA THR B 141 4.05 -2.07 4.37
C THR B 141 4.73 -3.42 4.28
N ALA B 142 3.97 -4.49 4.49
CA ALA B 142 4.50 -5.82 4.28
C ALA B 142 5.21 -5.99 2.91
N ALA B 143 4.56 -5.52 1.83
CA ALA B 143 5.10 -5.51 0.47
C ALA B 143 6.47 -4.86 0.35
N ALA B 144 6.73 -3.85 1.18
CA ALA B 144 8.00 -3.13 1.09
C ALA B 144 9.15 -4.00 1.61
N VAL B 145 8.90 -4.67 2.75
CA VAL B 145 9.96 -5.52 3.32
C VAL B 145 10.13 -6.68 2.35
N LEU B 146 9.02 -7.23 1.94
CA LEU B 146 9.09 -8.34 0.94
C LEU B 146 9.92 -7.99 -0.33
N ASP B 147 9.66 -6.84 -0.95
CA ASP B 147 10.32 -6.53 -2.20
C ASP B 147 11.78 -6.31 -1.94
N ASN B 148 12.10 -5.77 -0.78
CA ASN B 148 13.42 -5.43 -0.48
C ASN B 148 14.25 -6.71 -0.35
N LEU B 149 13.72 -7.61 0.47
CA LEU B 149 14.35 -8.94 0.66
C LEU B 149 14.45 -9.77 -0.66
N ALA B 150 13.40 -9.78 -1.48
CA ALA B 150 13.43 -10.49 -2.75
C ALA B 150 14.61 -10.00 -3.59
N THR B 151 14.69 -8.67 -3.78
CA THR B 151 15.82 -8.06 -4.48
C THR B 151 17.21 -8.56 -4.06
N ARG B 152 17.49 -8.47 -2.74
CA ARG B 152 18.79 -8.74 -2.19
C ARG B 152 19.04 -10.25 -2.22
N LEU B 153 17.99 -11.04 -2.02
CA LEU B 153 18.25 -12.49 -1.86
C LEU B 153 18.00 -13.34 -3.08
N ARG B 154 17.33 -12.82 -4.12
CA ARG B 154 16.95 -13.62 -5.27
C ARG B 154 18.09 -14.52 -5.87
N PRO B 155 19.30 -13.97 -6.15
CA PRO B 155 20.34 -14.84 -6.74
C PRO B 155 20.88 -15.92 -5.75
N PHE B 156 20.96 -15.61 -4.48
CA PHE B 156 21.31 -16.61 -3.50
C PHE B 156 20.22 -17.67 -3.43
N LEU B 157 18.96 -17.26 -3.27
CA LEU B 157 17.88 -18.19 -3.21
C LEU B 157 17.67 -19.04 -4.47
N GLN B 158 17.96 -18.51 -5.67
CA GLN B 158 17.85 -19.37 -6.83
C GLN B 158 18.67 -20.67 -6.61
N CYS B 159 19.82 -20.61 -5.96
CA CYS B 159 20.61 -21.83 -5.67
C CYS B 159 20.07 -22.54 -4.39
N TYR B 160 19.95 -21.81 -3.28
CA TYR B 160 19.54 -22.36 -2.00
C TYR B 160 18.22 -23.14 -2.13
N LEU B 161 17.25 -22.59 -2.86
CA LEU B 161 15.94 -23.21 -2.91
C LEU B 161 15.96 -24.54 -3.68
N LYS B 162 16.73 -24.58 -4.76
CA LYS B 162 16.89 -25.77 -5.55
C LYS B 162 17.58 -26.86 -4.73
N ALA B 163 18.50 -26.45 -3.86
CA ALA B 163 19.15 -27.38 -2.91
C ALA B 163 18.19 -27.91 -1.84
N ARG B 164 17.18 -27.14 -1.48
CA ARG B 164 16.11 -27.64 -0.59
C ARG B 164 15.07 -28.41 -1.37
N GLY B 165 15.17 -28.39 -2.69
CA GLY B 165 14.12 -28.91 -3.54
C GLY B 165 12.77 -28.24 -3.29
N LEU B 166 12.76 -26.92 -3.10
CA LEU B 166 11.51 -26.18 -2.94
C LEU B 166 11.16 -25.48 -4.25
N CYS B 167 9.99 -24.84 -4.33
CA CYS B 167 9.68 -23.95 -5.50
C CYS B 167 10.73 -22.84 -5.60
N GLY B 168 10.86 -22.21 -6.76
CA GLY B 168 11.71 -21.02 -6.86
C GLY B 168 11.01 -19.80 -6.21
N LEU B 169 11.79 -18.74 -5.95
CA LEU B 169 11.26 -17.57 -5.25
C LEU B 169 9.97 -17.02 -5.82
N ASP B 170 9.92 -16.88 -7.15
CA ASP B 170 8.80 -16.22 -7.83
C ASP B 170 7.55 -17.06 -7.78
N GLU B 171 7.76 -18.37 -7.95
CA GLU B 171 6.72 -19.34 -7.81
C GLU B 171 6.25 -19.42 -6.32
N LEU B 172 7.14 -19.42 -5.34
CA LEU B 172 6.63 -19.29 -3.94
C LEU B 172 5.71 -18.07 -3.74
N CYS B 173 6.21 -16.91 -4.17
CA CYS B 173 5.45 -15.63 -3.98
C CYS B 173 4.20 -15.54 -4.84
N SER B 174 4.14 -16.35 -5.87
CA SER B 174 3.07 -16.29 -6.77
C SER B 174 1.92 -17.19 -6.22
N ARG B 175 2.28 -18.40 -5.77
CA ARG B 175 1.34 -19.42 -5.31
C ARG B 175 0.81 -19.14 -3.90
N ARG B 176 1.67 -18.56 -3.06
CA ARG B 176 1.24 -18.12 -1.75
C ARG B 176 0.53 -19.27 -1.02
N ARG B 177 1.13 -20.45 -1.05
CA ARG B 177 0.56 -21.63 -0.31
C ARG B 177 1.31 -21.93 0.97
N LEU B 178 0.59 -22.01 2.08
CA LEU B 178 1.20 -22.43 3.35
C LEU B 178 1.91 -23.78 3.23
N ALA B 179 1.39 -24.64 2.36
CA ALA B 179 1.90 -26.02 2.18
C ALA B 179 3.25 -26.03 1.46
N ASP B 180 3.63 -24.93 0.83
CA ASP B 180 4.96 -24.75 0.25
C ASP B 180 6.03 -24.39 1.25
N ILE B 181 5.64 -23.99 2.45
CA ILE B 181 6.61 -23.57 3.45
C ILE B 181 7.22 -24.79 4.13
N LYS B 182 8.57 -24.85 4.09
CA LYS B 182 9.34 -26.04 4.51
C LYS B 182 10.59 -25.64 5.22
N ASP B 183 10.84 -24.33 5.29
CA ASP B 183 12.05 -23.80 5.88
C ASP B 183 11.83 -22.28 6.10
N ILE B 184 12.81 -21.65 6.74
CA ILE B 184 12.77 -20.26 7.09
C ILE B 184 12.69 -19.30 5.85
N ALA B 185 13.33 -19.63 4.72
CA ALA B 185 13.24 -18.75 3.53
C ALA B 185 11.87 -18.82 2.87
N SER B 186 11.35 -20.03 2.69
CA SER B 186 10.02 -20.16 2.16
C SER B 186 9.00 -19.59 3.14
N PHE B 187 9.25 -19.73 4.45
CA PHE B 187 8.39 -19.12 5.47
C PHE B 187 8.25 -17.60 5.27
N VAL B 188 9.39 -16.93 5.29
CA VAL B 188 9.39 -15.49 5.21
C VAL B 188 8.72 -15.01 3.93
N PHE B 189 9.13 -15.57 2.81
CA PHE B 189 8.61 -15.07 1.55
C PHE B 189 7.16 -15.36 1.38
N VAL B 190 6.74 -16.57 1.76
CA VAL B 190 5.37 -16.92 1.49
C VAL B 190 4.39 -16.14 2.38
N ILE B 191 4.75 -15.98 3.64
CA ILE B 191 3.91 -15.29 4.58
C ILE B 191 3.87 -13.79 4.23
N LEU B 192 5.00 -13.22 3.79
CA LEU B 192 5.03 -11.81 3.41
C LEU B 192 4.24 -11.59 2.13
N ALA B 193 4.32 -12.53 1.20
CA ALA B 193 3.57 -12.38 -0.04
C ALA B 193 2.07 -12.53 0.24
N ARG B 194 1.66 -13.43 1.13
CA ARG B 194 0.22 -13.54 1.43
C ARG B 194 -0.26 -12.28 2.13
N LEU B 195 0.53 -11.80 3.09
CA LEU B 195 0.10 -10.61 3.84
C LEU B 195 -0.03 -9.41 2.93
N ALA B 196 0.99 -9.21 2.11
CA ALA B 196 0.99 -8.15 1.12
C ALA B 196 -0.16 -8.28 0.12
N ASN B 197 -0.46 -9.51 -0.31
CA ASN B 197 -1.60 -9.75 -1.19
C ASN B 197 -2.90 -9.30 -0.47
N ARG B 198 -3.06 -9.61 0.79
CA ARG B 198 -4.30 -9.18 1.46
C ARG B 198 -4.40 -7.67 1.69
N VAL B 199 -3.26 -7.02 1.82
CA VAL B 199 -3.19 -5.57 2.03
C VAL B 199 -3.58 -4.92 0.74
N GLU B 200 -2.88 -5.27 -0.35
CA GLU B 200 -3.21 -4.77 -1.69
C GLU B 200 -4.71 -4.91 -1.98
N ARG B 201 -5.27 -6.09 -1.73
CA ARG B 201 -6.70 -6.31 -1.87
C ARG B 201 -7.58 -5.33 -1.08
N GLY B 202 -7.05 -4.71 -0.02
CA GLY B 202 -7.80 -3.71 0.68
C GLY B 202 -9.01 -4.34 1.36
N VAL B 203 -8.88 -5.58 1.87
CA VAL B 203 -9.90 -6.20 2.75
C VAL B 203 -10.01 -5.43 4.11
N ALA B 204 -11.20 -5.30 4.66
CA ALA B 204 -11.34 -4.58 5.93
C ALA B 204 -10.46 -5.18 7.07
N GLU B 205 -10.43 -6.50 7.17
CA GLU B 205 -9.53 -7.08 8.14
C GLU B 205 -8.95 -8.33 7.52
N ILE B 206 -7.72 -8.66 7.92
CA ILE B 206 -7.02 -9.66 7.19
C ILE B 206 -7.12 -10.95 7.99
N ASP B 207 -7.69 -11.98 7.38
CA ASP B 207 -7.93 -13.21 8.12
C ASP B 207 -6.59 -13.69 8.75
N TYR B 208 -6.57 -14.01 10.03
CA TYR B 208 -5.37 -14.66 10.64
C TYR B 208 -4.80 -15.86 9.88
N ALA B 209 -5.62 -16.55 9.08
CA ALA B 209 -5.16 -17.69 8.30
C ALA B 209 -4.09 -17.27 7.26
N THR B 210 -4.09 -15.98 6.87
CA THR B 210 -3.09 -15.36 5.97
C THR B 210 -1.71 -15.65 6.50
N LEU B 211 -1.59 -15.59 7.83
CA LEU B 211 -0.33 -15.84 8.55
C LEU B 211 -0.16 -17.30 9.02
N GLY B 212 -1.00 -18.19 8.52
CA GLY B 212 -0.93 -19.62 8.88
C GLY B 212 -1.53 -19.95 10.23
N VAL B 213 -2.42 -19.09 10.71
CA VAL B 213 -2.96 -19.19 12.07
C VAL B 213 -4.45 -19.48 12.04
N GLY B 214 -4.85 -20.68 12.53
CA GLY B 214 -6.26 -21.12 12.56
C GLY B 214 -7.11 -20.47 13.64
N VAL B 215 -8.40 -20.80 13.70
CA VAL B 215 -9.32 -20.25 14.74
C VAL B 215 -8.78 -20.49 16.16
N GLY B 216 -8.68 -19.41 16.94
CA GLY B 216 -8.10 -19.45 18.27
C GLY B 216 -6.62 -19.77 18.43
N GLU B 217 -5.88 -19.98 17.34
CA GLU B 217 -4.43 -20.24 17.49
C GLU B 217 -3.58 -18.99 17.75
N LYS B 218 -2.29 -19.18 18.02
CA LYS B 218 -1.47 -18.08 18.57
C LYS B 218 -0.12 -17.86 17.88
N MSE B 219 0.08 -18.51 16.73
CA MSE B 219 1.32 -18.35 15.97
C MSE B 219 2.56 -18.68 16.78
O MSE B 219 3.59 -17.99 16.70
CB MSE B 219 1.43 -16.92 15.40
CG MSE B 219 2.29 -16.79 14.12
SE MSE B 219 2.56 -14.87 13.63
CE MSE B 219 3.15 -15.19 11.78
N HIS B 220 2.48 -19.75 17.57
CA HIS B 220 3.68 -20.28 18.25
C HIS B 220 4.85 -20.72 17.35
N PHE B 221 4.57 -21.04 16.09
CA PHE B 221 5.65 -21.44 15.18
C PHE B 221 6.62 -20.21 14.81
N TYR B 222 6.18 -18.96 15.08
CA TYR B 222 7.01 -17.75 14.86
C TYR B 222 7.48 -17.18 16.18
N LEU B 223 8.80 -17.14 16.39
CA LEU B 223 9.43 -16.45 17.44
C LEU B 223 10.16 -15.19 16.88
N PRO B 224 9.93 -14.03 17.52
CA PRO B 224 10.52 -12.76 17.12
C PRO B 224 12.00 -12.89 17.02
N GLY B 225 12.53 -12.47 15.88
CA GLY B 225 13.94 -12.62 15.61
C GLY B 225 14.18 -13.80 14.68
N ALA B 226 13.20 -14.68 14.47
CA ALA B 226 13.46 -15.84 13.60
C ALA B 226 13.86 -15.46 12.18
N CYS B 227 13.36 -14.34 11.66
CA CYS B 227 13.66 -14.02 10.24
C CYS B 227 15.12 -13.64 10.21
N MSE B 228 15.53 -12.90 11.20
CA MSE B 228 16.85 -12.38 11.16
C MSE B 228 17.83 -13.54 11.40
O MSE B 228 18.69 -13.86 10.54
CB MSE B 228 17.01 -11.30 12.20
CG MSE B 228 18.47 -10.88 12.27
SE MSE B 228 18.71 -9.41 13.46
CE MSE B 228 18.07 -8.02 12.21
N ALA B 229 17.66 -14.22 12.53
CA ALA B 229 18.53 -15.37 12.85
C ALA B 229 18.43 -16.47 11.80
N GLY B 230 17.26 -16.79 11.33
CA GLY B 230 17.12 -17.86 10.34
C GLY B 230 17.81 -17.63 9.02
N LEU B 231 17.66 -16.41 8.51
CA LEU B 231 18.24 -16.08 7.22
C LEU B 231 19.75 -15.84 7.24
N ILE B 232 20.23 -15.24 8.31
CA ILE B 232 21.70 -15.11 8.50
C ILE B 232 22.37 -16.50 8.57
N GLU B 233 21.70 -17.40 9.30
CA GLU B 233 22.17 -18.81 9.35
C GLU B 233 22.17 -19.52 8.00
N ILE B 234 21.12 -19.37 7.19
CA ILE B 234 21.27 -20.03 5.87
C ILE B 234 22.35 -19.44 4.92
N LEU B 235 22.53 -18.12 4.97
CA LEU B 235 23.57 -17.48 4.19
C LEU B 235 24.94 -17.99 4.64
N ASP B 236 25.10 -18.25 5.93
CA ASP B 236 26.29 -18.88 6.45
C ASP B 236 26.46 -20.39 6.04
N THR B 237 25.46 -21.25 6.32
CA THR B 237 25.65 -22.72 6.21
C THR B 237 25.42 -23.31 4.85
N HIS B 238 24.67 -22.67 3.96
CA HIS B 238 24.44 -23.30 2.67
C HIS B 238 25.76 -23.56 1.90
N ARG B 239 26.79 -22.78 2.19
CA ARG B 239 28.02 -23.01 1.47
C ARG B 239 28.60 -24.38 1.87
N GLN B 240 28.09 -24.99 2.95
CA GLN B 240 28.61 -26.31 3.30
C GLN B 240 28.09 -27.34 2.35
N GLU B 241 26.84 -27.23 1.91
CA GLU B 241 26.27 -28.14 0.89
C GLU B 241 26.54 -27.70 -0.53
N CYS B 242 27.17 -26.58 -0.74
CA CYS B 242 27.19 -26.03 -2.11
C CYS B 242 28.62 -25.83 -2.58
N SER B 243 28.86 -26.21 -3.82
CA SER B 243 30.24 -26.19 -4.37
C SER B 243 30.49 -24.97 -5.32
N SER B 244 29.47 -24.12 -5.53
CA SER B 244 29.60 -22.96 -6.47
C SER B 244 30.34 -21.76 -5.82
N ARG B 245 31.50 -21.38 -6.38
CA ARG B 245 32.31 -20.28 -5.87
C ARG B 245 31.45 -19.01 -5.91
N VAL B 246 30.66 -18.91 -6.96
CA VAL B 246 29.85 -17.78 -7.32
C VAL B 246 28.73 -17.63 -6.32
N CYS B 247 28.01 -18.75 -6.07
CA CYS B 247 27.02 -18.77 -5.00
C CYS B 247 27.61 -18.35 -3.68
N GLU B 248 28.85 -18.79 -3.38
CA GLU B 248 29.47 -18.46 -2.11
C GLU B 248 29.96 -16.97 -2.00
N LEU B 249 30.28 -16.41 -3.17
CA LEU B 249 30.53 -14.97 -3.30
C LEU B 249 29.24 -14.18 -2.94
N THR B 250 28.13 -14.59 -3.51
CA THR B 250 26.84 -13.92 -3.34
C THR B 250 26.53 -13.85 -1.84
N ALA B 251 26.61 -15.01 -1.17
CA ALA B 251 26.16 -15.16 0.19
C ALA B 251 26.98 -14.31 1.08
N SER B 252 28.30 -14.44 0.92
CA SER B 252 29.27 -13.70 1.73
C SER B 252 29.08 -12.19 1.52
N HIS B 253 28.92 -11.75 0.28
CA HIS B 253 28.82 -10.29 -0.02
C HIS B 253 27.47 -9.71 0.49
N ILE B 254 26.43 -10.53 0.57
CA ILE B 254 25.14 -10.14 1.21
C ILE B 254 25.37 -9.88 2.70
N VAL B 255 26.04 -10.83 3.37
CA VAL B 255 26.38 -10.67 4.80
C VAL B 255 27.38 -9.57 5.13
N ALA B 256 28.33 -9.34 4.23
CA ALA B 256 29.42 -8.39 4.44
C ALA B 256 29.44 -7.44 3.25
N PRO B 257 28.58 -6.42 3.28
CA PRO B 257 28.34 -5.61 2.09
C PRO B 257 29.39 -4.51 1.74
N PRO B 258 30.38 -4.20 2.60
CA PRO B 258 31.24 -3.06 2.11
C PRO B 258 31.78 -3.25 0.70
N TYR B 259 31.74 -2.16 -0.09
CA TYR B 259 32.13 -2.20 -1.49
C TYR B 259 33.54 -2.75 -1.64
N VAL B 260 33.77 -3.57 -2.65
CA VAL B 260 35.14 -4.04 -2.95
C VAL B 260 35.43 -3.98 -4.45
N HIS B 261 34.46 -4.33 -5.27
CA HIS B 261 34.65 -4.32 -6.70
C HIS B 261 33.27 -4.39 -7.36
N GLY B 262 33.20 -3.97 -8.61
CA GLY B 262 31.98 -4.14 -9.39
C GLY B 262 31.36 -2.92 -10.09
N LYS B 263 31.75 -1.72 -9.69
CA LYS B 263 31.42 -0.52 -10.48
C LYS B 263 32.66 -0.04 -11.31
N TYR B 264 32.41 0.41 -12.55
CA TYR B 264 33.44 0.63 -13.54
C TYR B 264 33.55 2.10 -13.96
N PHE B 265 32.43 2.76 -14.27
CA PHE B 265 32.44 4.18 -14.54
C PHE B 265 31.11 4.84 -14.20
N TYR B 266 31.14 6.17 -14.14
CA TYR B 266 29.94 7.04 -14.17
C TYR B 266 29.99 7.91 -15.44
N CYS B 267 28.94 7.83 -16.23
CA CYS B 267 28.86 8.58 -17.48
C CYS B 267 27.51 9.31 -17.54
N ASN B 268 27.61 10.64 -17.49
CA ASN B 268 26.41 11.46 -17.60
C ASN B 268 26.71 12.73 -18.46
N SER B 269 26.25 12.65 -19.73
CA SER B 269 26.38 13.65 -20.80
C SER B 269 25.41 14.82 -20.67
N LEU B 270 24.40 14.73 -19.79
CA LEU B 270 23.37 15.78 -19.66
C LEU B 270 23.67 16.91 -18.73
N PHE B 271 24.43 16.63 -17.66
CA PHE B 271 24.75 17.63 -16.64
C PHE B 271 25.91 17.21 -15.77
N ALA C 1 -6.87 -28.97 3.48
CA ALA C 1 -6.92 -27.56 4.00
C ALA C 1 -5.48 -27.05 4.06
N ASP C 2 -5.12 -26.13 3.15
CA ASP C 2 -3.82 -25.44 3.17
C ASP C 2 -3.29 -25.12 4.57
N THR C 3 -2.10 -25.56 4.92
CA THR C 3 -1.63 -25.30 6.26
C THR C 3 -0.12 -25.41 6.30
N ILE C 4 0.47 -24.85 7.35
CA ILE C 4 1.85 -25.09 7.61
C ILE C 4 2.00 -26.42 8.40
N ASP C 5 2.68 -27.39 7.78
CA ASP C 5 2.82 -28.74 8.38
C ASP C 5 3.58 -28.67 9.73
N ALA C 6 3.27 -29.63 10.60
CA ALA C 6 3.77 -29.64 11.99
C ALA C 6 5.24 -29.87 12.04
N THR C 7 5.80 -30.59 11.07
CA THR C 7 7.28 -30.75 11.11
C THR C 7 7.99 -29.44 10.80
N THR C 8 7.47 -28.69 9.82
CA THR C 8 8.06 -27.39 9.44
C THR C 8 8.00 -26.40 10.65
N ARG C 9 6.89 -26.45 11.42
CA ARG C 9 6.74 -25.58 12.61
C ARG C 9 7.82 -25.82 13.61
N LEU C 10 8.08 -27.11 13.80
CA LEU C 10 9.18 -27.49 14.59
C LEU C 10 10.52 -26.92 14.02
N VAL C 11 10.74 -27.05 12.71
CA VAL C 11 11.95 -26.50 12.09
C VAL C 11 12.09 -24.99 12.37
N LEU C 12 11.00 -24.23 12.18
CA LEU C 12 11.01 -22.78 12.42
C LEU C 12 11.35 -22.39 13.85
N ARG C 13 10.67 -23.00 14.81
CA ARG C 13 10.92 -22.84 16.23
C ARG C 13 12.33 -23.26 16.65
N SER C 14 12.93 -24.23 15.95
CA SER C 14 14.22 -24.72 16.36
C SER C 14 15.39 -23.78 15.98
N ILE C 15 15.15 -22.81 15.10
CA ILE C 15 16.13 -21.69 14.95
C ILE C 15 16.58 -21.16 16.30
N SER C 16 15.70 -21.05 17.30
CA SER C 16 16.13 -20.61 18.67
C SER C 16 17.14 -21.49 19.39
N GLU C 17 17.29 -22.74 18.93
CA GLU C 17 18.17 -23.70 19.57
C GLU C 17 19.58 -23.35 19.17
N ARG C 18 19.73 -22.82 17.94
CA ARG C 18 21.05 -22.56 17.37
C ARG C 18 21.53 -21.12 17.49
N ALA C 19 20.57 -20.19 17.65
CA ALA C 19 20.86 -18.75 17.50
C ALA C 19 21.52 -18.15 18.72
N ALA C 20 22.63 -17.46 18.50
CA ALA C 20 23.46 -16.90 19.56
C ALA C 20 24.37 -15.82 18.99
N VAL C 21 24.65 -14.77 19.77
CA VAL C 21 25.44 -13.62 19.32
C VAL C 21 26.81 -13.98 18.76
N ASP C 22 27.57 -14.78 19.49
CA ASP C 22 28.85 -15.35 19.01
C ASP C 22 28.77 -16.20 17.71
N ARG C 23 27.68 -16.92 17.50
CA ARG C 23 27.48 -17.74 16.28
C ARG C 23 27.23 -16.79 15.11
N ILE C 24 26.36 -15.81 15.33
CA ILE C 24 26.12 -14.72 14.40
C ILE C 24 27.44 -13.96 14.09
N SER C 25 28.17 -13.62 15.13
CA SER C 25 29.44 -12.97 15.00
C SER C 25 30.49 -13.81 14.24
N GLU C 26 30.56 -15.12 14.47
CA GLU C 26 31.44 -15.97 13.62
C GLU C 26 30.91 -16.09 12.20
N SER C 27 29.60 -15.94 12.04
CA SER C 27 28.99 -15.85 10.71
C SER C 27 29.49 -14.67 9.89
N PHE C 28 29.62 -13.49 10.52
CA PHE C 28 30.06 -12.24 9.85
C PHE C 28 31.55 -12.25 9.58
N GLY C 29 32.30 -12.95 10.41
CA GLY C 29 33.72 -13.26 10.17
C GLY C 29 33.95 -14.13 8.96
N ARG C 30 33.21 -15.21 8.79
CA ARG C 30 33.45 -16.11 7.66
C ARG C 30 33.20 -15.43 6.32
N SER C 31 32.14 -14.63 6.27
CA SER C 31 31.69 -14.02 5.02
C SER C 31 32.68 -12.90 4.67
N ALA C 32 33.09 -12.19 5.71
CA ALA C 32 34.11 -11.15 5.66
C ALA C 32 35.47 -11.63 5.09
N GLN C 33 35.98 -12.79 5.59
CA GLN C 33 37.21 -13.43 5.08
C GLN C 33 37.08 -13.71 3.59
N VAL C 34 35.95 -14.27 3.16
CA VAL C 34 35.76 -14.49 1.71
C VAL C 34 35.82 -13.19 0.91
N MSE C 35 35.45 -12.06 1.56
CA MSE C 35 35.49 -10.73 0.92
C MSE C 35 36.89 -10.08 0.93
O MSE C 35 37.16 -9.20 0.11
CB MSE C 35 34.47 -9.76 1.53
CG MSE C 35 33.01 -10.09 1.21
SE MSE C 35 32.58 -10.52 -0.62
CE MSE C 35 32.96 -8.81 -1.51
N HIS C 36 37.77 -10.51 1.84
CA HIS C 36 39.15 -10.00 1.87
C HIS C 36 39.91 -10.24 0.56
N ASP C 37 39.71 -11.37 -0.09
CA ASP C 37 40.34 -11.56 -1.38
C ASP C 37 39.47 -12.38 -2.30
N PRO C 38 38.41 -11.78 -2.84
CA PRO C 38 37.40 -12.46 -3.63
C PRO C 38 37.84 -13.00 -4.97
N PHE C 39 38.87 -12.43 -5.57
CA PHE C 39 39.25 -12.89 -6.90
C PHE C 39 40.06 -14.18 -6.87
N GLY C 40 40.90 -14.29 -5.87
CA GLY C 40 41.70 -15.49 -5.60
C GLY C 40 42.99 -15.50 -6.34
N GLY C 41 43.22 -16.61 -7.02
CA GLY C 41 44.35 -16.75 -7.92
C GLY C 41 44.01 -16.22 -9.30
N GLN C 42 42.77 -15.79 -9.54
CA GLN C 42 42.47 -15.14 -10.83
C GLN C 42 41.91 -13.71 -10.79
N PRO C 43 42.72 -12.74 -10.29
CA PRO C 43 42.49 -11.29 -10.48
C PRO C 43 42.38 -10.92 -11.98
N PHE C 44 41.79 -9.77 -12.31
CA PHE C 44 41.84 -9.30 -13.69
C PHE C 44 43.33 -8.91 -13.96
N PRO C 45 43.75 -9.01 -15.23
CA PRO C 45 45.09 -8.57 -15.57
C PRO C 45 45.40 -7.15 -15.05
N ALA C 46 46.23 -7.13 -13.99
CA ALA C 46 46.97 -5.93 -13.56
C ALA C 46 48.09 -5.60 -14.58
N ALA C 47 48.35 -4.30 -14.73
CA ALA C 47 49.08 -3.67 -15.84
C ALA C 47 48.61 -2.22 -15.78
N ASN C 48 49.29 -1.33 -16.50
CA ASN C 48 48.79 0.05 -16.69
C ASN C 48 47.66 0.09 -17.77
N SER C 49 46.60 -0.71 -17.52
CA SER C 49 45.29 -0.56 -18.16
C SER C 49 44.77 0.79 -17.69
N PRO C 50 43.97 1.49 -18.52
CA PRO C 50 43.40 2.77 -17.93
C PRO C 50 42.36 2.51 -16.79
N TRP C 51 41.84 1.28 -16.78
CA TRP C 51 40.80 0.91 -15.88
C TRP C 51 41.35 0.29 -14.61
N ALA C 52 42.64 0.45 -14.37
CA ALA C 52 43.29 -0.30 -13.28
C ALA C 52 42.71 -0.05 -11.89
N PRO C 53 42.27 1.20 -11.61
CA PRO C 53 41.68 1.41 -10.28
C PRO C 53 40.30 0.72 -10.08
N VAL C 54 39.62 0.34 -11.16
CA VAL C 54 38.34 -0.40 -11.05
C VAL C 54 38.51 -1.89 -11.40
N LEU C 55 39.74 -2.29 -11.72
CA LEU C 55 40.02 -3.69 -11.96
C LEU C 55 40.61 -4.34 -10.71
N ALA C 56 41.18 -3.55 -9.80
CA ALA C 56 41.69 -3.99 -8.49
C ALA C 56 40.62 -4.70 -7.59
N PRO C 61 36.29 1.97 -2.19
CA PRO C 61 34.98 2.70 -2.19
C PRO C 61 34.77 3.57 -3.46
N PHE C 62 33.86 3.17 -4.34
CA PHE C 62 33.80 3.73 -5.70
C PHE C 62 33.34 5.18 -5.61
N ASP C 63 34.17 6.13 -6.05
CA ASP C 63 33.75 7.54 -6.10
C ASP C 63 33.28 7.98 -7.54
N ALA C 64 31.97 8.24 -7.70
CA ALA C 64 31.37 8.72 -8.97
C ALA C 64 32.24 9.78 -9.71
N GLU C 65 32.56 10.91 -9.08
CA GLU C 65 33.33 11.97 -9.77
C GLU C 65 34.72 11.49 -10.22
N THR C 66 35.47 10.87 -9.30
CA THR C 66 36.75 10.20 -9.61
C THR C 66 36.69 9.18 -10.76
N ARG C 67 35.55 8.50 -10.94
CA ARG C 67 35.45 7.49 -11.97
C ARG C 67 34.62 7.90 -13.17
N ARG C 68 34.42 9.22 -13.33
CA ARG C 68 33.56 9.72 -14.33
C ARG C 68 34.25 9.67 -15.71
N VAL C 69 33.52 9.38 -16.76
CA VAL C 69 34.05 9.49 -18.12
C VAL C 69 32.99 10.21 -18.94
N SER C 70 33.43 11.02 -19.92
CA SER C 70 32.51 11.52 -20.92
C SER C 70 32.19 10.33 -21.76
N TRP C 71 31.08 10.44 -22.50
CA TRP C 71 30.72 9.52 -23.52
C TRP C 71 31.91 9.30 -24.49
N GLU C 72 32.60 10.39 -24.84
CA GLU C 72 33.70 10.29 -25.82
C GLU C 72 34.83 9.42 -25.25
N THR C 73 35.19 9.63 -23.97
CA THR C 73 36.14 8.76 -23.28
C THR C 73 35.67 7.29 -23.13
N LEU C 74 34.37 7.10 -22.88
CA LEU C 74 33.77 5.77 -22.87
C LEU C 74 33.94 5.09 -24.26
N VAL C 75 33.57 5.78 -25.32
CA VAL C 75 33.74 5.25 -26.69
C VAL C 75 35.23 4.88 -27.02
N ALA C 76 36.18 5.61 -26.44
CA ALA C 76 37.59 5.42 -26.82
C ALA C 76 38.32 4.39 -25.93
N HIS C 77 38.05 4.40 -24.62
CA HIS C 77 38.67 3.48 -23.67
C HIS C 77 37.78 2.26 -23.35
N GLY C 78 36.53 2.30 -23.82
CA GLY C 78 35.58 1.21 -23.56
C GLY C 78 36.04 -0.17 -24.07
N PRO C 79 36.44 -0.26 -25.39
CA PRO C 79 36.93 -1.55 -25.94
C PRO C 79 37.97 -2.22 -25.08
N SER C 80 38.84 -1.42 -24.52
CA SER C 80 39.87 -1.93 -23.69
C SER C 80 39.27 -2.68 -22.47
N LEU C 81 38.36 -2.03 -21.73
CA LEU C 81 37.67 -2.68 -20.64
C LEU C 81 36.97 -3.95 -21.10
N TYR C 82 36.27 -3.87 -22.22
CA TYR C 82 35.50 -4.96 -22.76
C TYR C 82 36.34 -6.23 -23.04
N ARG C 83 37.52 -6.02 -23.66
CA ARG C 83 38.50 -7.07 -23.91
C ARG C 83 39.02 -7.67 -22.60
N THR C 84 39.31 -6.87 -21.61
CA THR C 84 39.67 -7.40 -20.31
C THR C 84 38.57 -8.35 -19.77
N PHE C 85 37.30 -8.07 -20.12
CA PHE C 85 36.13 -8.78 -19.59
C PHE C 85 36.03 -10.08 -20.39
N ALA C 86 35.99 -9.95 -21.71
CA ALA C 86 35.77 -11.06 -22.64
C ALA C 86 36.93 -12.07 -22.64
N GLY C 87 38.16 -11.59 -22.34
CA GLY C 87 39.34 -12.45 -22.38
C GLY C 87 39.67 -13.10 -21.03
N ASN C 88 38.96 -12.69 -19.97
CA ASN C 88 39.22 -13.28 -18.66
C ASN C 88 37.94 -13.88 -18.01
N PRO C 89 37.44 -15.00 -18.58
CA PRO C 89 36.15 -15.60 -18.17
C PRO C 89 35.98 -15.81 -16.66
N ARG C 90 37.06 -16.21 -16.00
CA ARG C 90 37.04 -16.48 -14.55
C ARG C 90 36.98 -15.23 -13.69
N ALA C 91 37.78 -14.22 -14.02
CA ALA C 91 37.75 -13.00 -13.26
C ALA C 91 36.39 -12.31 -13.49
N ALA C 92 35.85 -12.39 -14.72
CA ALA C 92 34.61 -11.75 -15.12
C ALA C 92 33.38 -12.36 -14.38
N SER C 93 33.45 -13.68 -14.20
CA SER C 93 32.49 -14.40 -13.41
C SER C 93 32.52 -13.92 -11.97
N THR C 94 33.70 -13.75 -11.36
CA THR C 94 33.78 -13.23 -10.02
C THR C 94 33.26 -11.76 -9.98
N ALA C 95 33.72 -10.94 -10.94
CA ALA C 95 33.27 -9.53 -11.06
C ALA C 95 31.76 -9.46 -11.17
N LYS C 96 31.14 -10.30 -12.01
CA LYS C 96 29.70 -10.23 -12.22
C LYS C 96 28.95 -10.52 -10.93
N ALA C 97 29.46 -11.46 -10.14
CA ALA C 97 28.74 -11.90 -8.98
C ALA C 97 28.79 -10.75 -8.01
N MSE C 98 29.97 -10.15 -7.83
CA MSE C 98 30.06 -9.05 -6.87
C MSE C 98 29.25 -7.81 -7.29
O MSE C 98 28.61 -7.18 -6.49
CB MSE C 98 31.49 -8.69 -6.60
CG MSE C 98 32.22 -9.71 -5.70
SE MSE C 98 34.12 -9.36 -6.16
CE MSE C 98 34.36 -8.46 -4.47
N ARG C 99 29.27 -7.49 -8.58
CA ARG C 99 28.52 -6.36 -9.13
C ARG C 99 27.04 -6.57 -8.85
N ASP C 100 26.61 -7.80 -9.07
CA ASP C 100 25.25 -8.22 -8.80
C ASP C 100 24.83 -7.85 -7.39
N CYS C 101 25.64 -8.21 -6.37
CA CYS C 101 25.32 -7.79 -4.99
C CYS C 101 25.30 -6.24 -4.79
N VAL C 102 26.30 -5.55 -5.38
CA VAL C 102 26.42 -4.09 -5.27
C VAL C 102 25.18 -3.39 -5.73
N LEU C 103 24.73 -3.77 -6.94
CA LEU C 103 23.57 -3.18 -7.56
C LEU C 103 22.24 -3.53 -6.85
N ARG C 104 22.12 -4.74 -6.30
CA ARG C 104 21.00 -5.04 -5.43
C ARG C 104 20.98 -4.29 -4.09
N GLN C 105 22.07 -3.70 -3.65
CA GLN C 105 21.99 -2.96 -2.41
C GLN C 105 22.19 -1.43 -2.54
N GLU C 106 22.28 -0.92 -3.76
CA GLU C 106 22.68 0.47 -3.97
C GLU C 106 21.55 1.42 -3.62
N ASN C 107 21.82 2.63 -3.11
CA ASN C 107 20.75 3.67 -2.93
C ASN C 107 20.17 4.15 -4.28
N PHE C 108 19.14 5.00 -4.23
CA PHE C 108 18.37 5.28 -5.40
C PHE C 108 19.23 5.91 -6.51
N ILE C 109 19.98 6.91 -6.10
CA ILE C 109 20.81 7.71 -7.01
C ILE C 109 21.90 6.81 -7.54
N GLU C 110 22.46 5.91 -6.71
CA GLU C 110 23.51 4.99 -7.23
C GLU C 110 22.89 4.08 -8.26
N ALA C 111 21.64 3.70 -8.07
CA ALA C 111 20.94 2.76 -8.93
C ALA C 111 20.61 3.34 -10.31
N LEU C 112 20.16 4.60 -10.32
CA LEU C 112 20.00 5.35 -11.58
C LEU C 112 21.32 5.45 -12.35
N ALA C 113 22.39 5.73 -11.64
CA ALA C 113 23.74 5.76 -12.22
C ALA C 113 24.08 4.38 -12.79
N SER C 114 23.67 3.28 -12.12
CA SER C 114 23.97 1.94 -12.66
C SER C 114 23.13 1.66 -13.85
N ALA C 115 21.90 2.17 -13.90
CA ALA C 115 21.06 1.97 -15.10
C ALA C 115 21.71 2.66 -16.31
N ASP C 116 22.18 3.91 -16.14
CA ASP C 116 22.94 4.63 -17.19
C ASP C 116 24.31 4.00 -17.56
N GLU C 117 25.07 3.61 -16.54
CA GLU C 117 26.29 2.79 -16.74
C GLU C 117 25.98 1.63 -17.67
N THR C 118 24.88 0.90 -17.41
CA THR C 118 24.55 -0.27 -18.16
C THR C 118 24.21 0.11 -19.59
N LEU C 119 23.37 1.15 -19.76
CA LEU C 119 22.83 1.39 -21.07
C LEU C 119 23.88 2.08 -21.93
N ALA C 120 24.75 2.84 -21.28
CA ALA C 120 25.80 3.55 -21.97
C ALA C 120 26.82 2.47 -22.40
N TRP C 121 27.05 1.49 -21.53
CA TRP C 121 27.99 0.42 -21.84
C TRP C 121 27.53 -0.26 -23.11
N CYS C 122 26.23 -0.52 -23.17
CA CYS C 122 25.65 -1.17 -24.32
C CYS C 122 25.75 -0.36 -25.58
N LYS C 123 25.68 0.97 -25.41
CA LYS C 123 25.60 1.88 -26.52
C LYS C 123 27.01 1.96 -27.11
N MSE C 124 28.03 1.96 -26.24
CA MSE C 124 29.42 1.80 -26.65
C MSE C 124 29.61 0.48 -27.48
O MSE C 124 30.13 0.51 -28.63
CB MSE C 124 30.34 1.95 -25.38
CG MSE C 124 31.82 1.95 -25.61
SE MSE C 124 32.53 0.10 -25.93
CE MSE C 124 32.27 -0.49 -24.09
N CYS C 125 29.04 -0.65 -26.99
CA CYS C 125 29.21 -1.90 -27.68
C CYS C 125 28.66 -1.76 -29.09
N ILE C 126 27.48 -1.19 -29.19
CA ILE C 126 26.82 -1.00 -30.47
C ILE C 126 27.59 -0.09 -31.43
N HIS C 127 28.15 0.99 -30.88
CA HIS C 127 28.88 1.95 -31.64
C HIS C 127 30.07 1.26 -32.31
N HIS C 128 30.55 0.19 -31.73
CA HIS C 128 31.74 -0.46 -32.23
C HIS C 128 31.37 -1.82 -32.81
N ASN C 129 30.08 -2.06 -32.95
CA ASN C 129 29.61 -3.40 -33.35
C ASN C 129 30.19 -4.60 -32.55
N LEU C 130 30.49 -4.40 -31.27
CA LEU C 130 30.89 -5.49 -30.40
C LEU C 130 29.63 -6.24 -29.98
N PRO C 131 29.74 -7.57 -29.83
CA PRO C 131 28.66 -8.40 -29.32
C PRO C 131 28.32 -8.08 -27.86
N LEU C 132 27.03 -8.13 -27.53
CA LEU C 132 26.60 -8.00 -26.15
C LEU C 132 26.48 -9.41 -25.49
N ARG C 133 27.26 -9.66 -24.46
CA ARG C 133 27.41 -11.00 -23.95
C ARG C 133 26.86 -11.13 -22.52
N PRO C 134 25.99 -12.13 -22.26
CA PRO C 134 25.48 -12.43 -20.92
C PRO C 134 26.55 -12.54 -19.85
N GLN C 135 27.73 -13.06 -20.21
CA GLN C 135 28.89 -13.15 -19.34
C GLN C 135 29.54 -11.79 -19.05
N ASP C 136 29.21 -10.79 -19.88
CA ASP C 136 29.80 -9.48 -19.68
C ASP C 136 29.19 -8.97 -18.36
N PRO C 137 30.03 -8.64 -17.37
CA PRO C 137 29.58 -8.31 -16.06
C PRO C 137 28.61 -7.15 -15.99
N ILE C 138 28.73 -6.20 -16.91
CA ILE C 138 27.91 -5.03 -16.88
C ILE C 138 26.62 -5.50 -17.48
N ILE C 139 26.67 -6.15 -18.63
CA ILE C 139 25.45 -6.59 -19.25
C ILE C 139 24.68 -7.63 -18.40
N GLY C 140 25.42 -8.56 -17.77
CA GLY C 140 24.81 -9.65 -17.06
C GLY C 140 24.19 -9.26 -15.74
N THR C 141 24.31 -8.01 -15.32
CA THR C 141 23.69 -7.62 -14.02
C THR C 141 22.55 -6.64 -14.22
N ALA C 142 22.02 -6.63 -15.44
CA ALA C 142 20.91 -5.80 -15.79
C ALA C 142 19.69 -6.10 -14.90
N ALA C 143 19.49 -7.38 -14.52
CA ALA C 143 18.37 -7.78 -13.62
C ALA C 143 18.55 -7.15 -12.24
N ALA C 144 19.81 -6.95 -11.82
CA ALA C 144 20.08 -6.38 -10.48
C ALA C 144 19.58 -4.92 -10.38
N VAL C 145 19.91 -4.12 -11.37
CA VAL C 145 19.51 -2.72 -11.40
C VAL C 145 18.02 -2.64 -11.53
N LEU C 146 17.45 -3.46 -12.44
CA LEU C 146 16.00 -3.52 -12.64
C LEU C 146 15.20 -3.81 -11.38
N ASP C 147 15.63 -4.84 -10.68
CA ASP C 147 15.00 -5.21 -9.42
C ASP C 147 15.17 -4.10 -8.38
N ASN C 148 16.32 -3.47 -8.35
CA ASN C 148 16.54 -2.46 -7.32
C ASN C 148 15.59 -1.25 -7.59
N LEU C 149 15.57 -0.79 -8.85
CA LEU C 149 14.69 0.33 -9.23
C LEU C 149 13.21 -0.01 -9.05
N ALA C 150 12.81 -1.23 -9.42
CA ALA C 150 11.43 -1.70 -9.26
C ALA C 150 11.03 -1.60 -7.80
N THR C 151 11.89 -2.08 -6.91
CA THR C 151 11.63 -2.05 -5.48
C THR C 151 11.43 -0.61 -4.95
N ARG C 152 12.35 0.29 -5.30
CA ARG C 152 12.36 1.71 -4.89
C ARG C 152 11.13 2.47 -5.47
N LEU C 153 10.76 2.20 -6.71
CA LEU C 153 9.88 3.06 -7.48
C LEU C 153 8.46 2.55 -7.58
N ARG C 154 8.25 1.26 -7.27
CA ARG C 154 6.97 0.65 -7.54
C ARG C 154 5.77 1.49 -7.04
N PRO C 155 5.74 1.90 -5.75
CA PRO C 155 4.48 2.59 -5.32
C PRO C 155 4.30 3.96 -6.00
N PHE C 156 5.38 4.67 -6.24
CA PHE C 156 5.30 5.88 -7.00
C PHE C 156 4.75 5.56 -8.43
N LEU C 157 5.21 4.47 -9.05
CA LEU C 157 4.89 4.18 -10.46
C LEU C 157 3.47 3.68 -10.65
N GLN C 158 2.93 3.01 -9.63
CA GLN C 158 1.52 2.63 -9.68
C GLN C 158 0.68 3.82 -10.06
N CYS C 159 0.87 4.94 -9.35
CA CYS C 159 0.18 6.20 -9.62
C CYS C 159 0.64 6.94 -10.92
N TYR C 160 1.96 7.14 -11.04
CA TYR C 160 2.52 7.75 -12.23
C TYR C 160 2.14 7.12 -13.57
N LEU C 161 2.27 5.80 -13.70
CA LEU C 161 1.97 5.09 -14.96
C LEU C 161 0.46 5.18 -15.30
N LYS C 162 -0.39 5.05 -14.29
CA LYS C 162 -1.82 5.20 -14.53
C LYS C 162 -2.09 6.62 -15.05
N ALA C 163 -1.59 7.63 -14.37
CA ALA C 163 -1.64 9.01 -14.88
C ALA C 163 -1.08 9.22 -16.33
N ARG C 164 -0.09 8.44 -16.75
CA ARG C 164 0.44 8.58 -18.12
C ARG C 164 -0.44 7.82 -19.11
N GLY C 165 -1.40 7.09 -18.57
CA GLY C 165 -2.16 6.08 -19.33
C GLY C 165 -1.30 4.90 -19.78
N LEU C 166 -0.21 4.58 -19.06
CA LEU C 166 0.58 3.44 -19.53
C LEU C 166 0.19 2.16 -18.82
N CYS C 167 0.81 1.05 -19.21
CA CYS C 167 0.66 -0.21 -18.49
C CYS C 167 1.29 -0.09 -17.10
N GLY C 168 0.82 -0.89 -16.15
CA GLY C 168 1.52 -0.98 -14.86
C GLY C 168 2.90 -1.64 -14.96
N LEU C 169 3.68 -1.43 -13.91
CA LEU C 169 5.06 -1.84 -13.87
C LEU C 169 5.20 -3.34 -14.18
N ASP C 170 4.29 -4.16 -13.64
CA ASP C 170 4.43 -5.62 -13.86
C ASP C 170 4.08 -6.07 -15.28
N GLU C 171 3.02 -5.48 -15.85
CA GLU C 171 2.70 -5.67 -17.27
C GLU C 171 3.82 -5.23 -18.20
N LEU C 172 4.37 -4.03 -17.98
CA LEU C 172 5.51 -3.56 -18.78
C LEU C 172 6.66 -4.56 -18.74
N CYS C 173 7.01 -5.09 -17.58
CA CYS C 173 8.17 -5.97 -17.47
C CYS C 173 7.87 -7.40 -17.97
N SER C 174 6.60 -7.74 -17.99
CA SER C 174 6.21 -9.06 -18.35
C SER C 174 6.00 -9.09 -19.86
N ARG C 175 5.29 -8.10 -20.44
CA ARG C 175 5.10 -8.03 -21.90
C ARG C 175 6.41 -7.66 -22.63
N ARG C 176 7.26 -6.86 -21.99
CA ARG C 176 8.55 -6.49 -22.59
C ARG C 176 8.45 -6.07 -24.07
N ARG C 177 7.47 -5.24 -24.41
CA ARG C 177 7.25 -4.84 -25.81
C ARG C 177 7.76 -3.40 -25.98
N LEU C 178 8.62 -3.19 -26.98
CA LEU C 178 9.12 -1.84 -27.30
C LEU C 178 8.02 -0.82 -27.64
N ALA C 179 6.92 -1.29 -28.23
CA ALA C 179 5.78 -0.44 -28.55
C ALA C 179 5.01 0.02 -27.29
N ASP C 180 5.44 -0.45 -26.11
CA ASP C 180 4.83 -0.07 -24.82
C ASP C 180 5.59 1.15 -24.27
N ILE C 181 6.75 1.45 -24.85
CA ILE C 181 7.59 2.56 -24.38
C ILE C 181 6.99 3.88 -24.87
N LYS C 182 6.63 4.75 -23.91
CA LYS C 182 6.09 6.07 -24.21
C LYS C 182 6.76 7.21 -23.46
N ASP C 183 7.70 6.89 -22.55
CA ASP C 183 8.26 7.90 -21.63
C ASP C 183 9.52 7.34 -21.02
N ILE C 184 10.15 8.05 -20.07
CA ILE C 184 11.46 7.61 -19.56
C ILE C 184 11.36 6.40 -18.61
N ALA C 185 10.28 6.36 -17.83
CA ALA C 185 10.02 5.31 -16.90
C ALA C 185 9.79 3.97 -17.61
N SER C 186 8.86 3.94 -18.57
CA SER C 186 8.56 2.79 -19.38
C SER C 186 9.80 2.39 -20.16
N PHE C 187 10.47 3.36 -20.76
CA PHE C 187 11.77 3.08 -21.38
C PHE C 187 12.72 2.35 -20.48
N VAL C 188 12.97 2.89 -19.31
CA VAL C 188 13.97 2.21 -18.43
C VAL C 188 13.56 0.77 -18.11
N PHE C 189 12.31 0.56 -17.72
CA PHE C 189 11.91 -0.78 -17.25
C PHE C 189 11.75 -1.79 -18.35
N VAL C 190 11.18 -1.38 -19.46
CA VAL C 190 11.11 -2.29 -20.62
C VAL C 190 12.49 -2.68 -21.15
N ILE C 191 13.39 -1.71 -21.30
CA ILE C 191 14.64 -2.05 -21.86
C ILE C 191 15.45 -2.94 -20.89
N LEU C 192 15.57 -2.53 -19.64
CA LEU C 192 16.25 -3.41 -18.69
C LEU C 192 15.56 -4.78 -18.57
N ALA C 193 14.22 -4.81 -18.59
CA ALA C 193 13.55 -6.11 -18.52
C ALA C 193 13.84 -6.98 -19.74
N ARG C 194 13.87 -6.39 -20.94
CA ARG C 194 14.20 -7.21 -22.11
C ARG C 194 15.65 -7.68 -21.99
N LEU C 195 16.55 -6.75 -21.69
CA LEU C 195 17.94 -7.12 -21.41
C LEU C 195 18.08 -8.25 -20.38
N ALA C 196 17.39 -8.15 -19.26
CA ALA C 196 17.54 -9.19 -18.24
C ALA C 196 16.98 -10.53 -18.73
N ASN C 197 15.91 -10.49 -19.50
CA ASN C 197 15.31 -11.68 -20.07
C ASN C 197 16.25 -12.41 -21.05
N ARG C 198 16.88 -11.64 -21.92
CA ARG C 198 17.91 -12.19 -22.79
C ARG C 198 19.13 -12.77 -22.03
N VAL C 199 19.63 -12.09 -20.99
CA VAL C 199 20.72 -12.63 -20.15
C VAL C 199 20.34 -13.96 -19.47
N GLU C 200 19.13 -13.99 -18.94
CA GLU C 200 18.57 -15.18 -18.30
C GLU C 200 18.49 -16.39 -19.27
N ARG C 201 18.00 -16.18 -20.48
CA ARG C 201 17.97 -17.23 -21.50
C ARG C 201 19.35 -17.80 -21.81
N GLY C 202 20.40 -17.11 -21.36
CA GLY C 202 21.79 -17.36 -21.76
C GLY C 202 22.01 -17.49 -23.27
N VAL C 203 21.37 -16.65 -24.08
CA VAL C 203 21.81 -16.45 -25.47
C VAL C 203 23.33 -16.45 -25.54
N ALA C 204 23.87 -16.86 -26.68
CA ALA C 204 25.33 -16.76 -26.87
C ALA C 204 25.64 -15.26 -26.95
N GLU C 205 24.87 -14.55 -27.75
CA GLU C 205 24.95 -13.09 -27.79
C GLU C 205 23.59 -12.41 -28.02
N ILE C 206 23.43 -11.24 -27.41
CA ILE C 206 22.16 -10.59 -27.33
C ILE C 206 21.96 -9.61 -28.48
N ASP C 207 20.90 -9.86 -29.21
CA ASP C 207 20.54 -9.12 -30.39
C ASP C 207 20.29 -7.64 -30.04
N TYR C 208 20.77 -6.77 -30.91
CA TYR C 208 20.71 -5.31 -30.73
C TYR C 208 19.27 -4.83 -30.63
N ALA C 209 18.39 -5.53 -31.30
CA ALA C 209 16.95 -5.31 -31.23
C ALA C 209 16.41 -5.44 -29.80
N THR C 210 17.16 -6.09 -28.91
CA THR C 210 16.80 -6.15 -27.50
C THR C 210 16.66 -4.73 -26.88
N LEU C 211 17.55 -3.84 -27.30
CA LEU C 211 17.61 -2.46 -26.88
C LEU C 211 16.85 -1.48 -27.81
N GLY C 212 16.04 -2.05 -28.70
CA GLY C 212 15.27 -1.28 -29.67
C GLY C 212 16.08 -0.61 -30.77
N VAL C 213 17.29 -1.13 -31.03
CA VAL C 213 18.12 -0.69 -32.17
C VAL C 213 18.28 -1.76 -33.30
N GLY C 214 17.93 -1.34 -34.53
CA GLY C 214 17.84 -2.21 -35.72
C GLY C 214 19.19 -2.43 -36.34
N VAL C 215 19.25 -3.09 -37.49
CA VAL C 215 20.54 -3.37 -38.13
C VAL C 215 21.16 -2.04 -38.58
N GLY C 216 22.45 -1.84 -38.34
CA GLY C 216 23.10 -0.56 -38.68
C GLY C 216 22.84 0.63 -37.75
N GLU C 217 21.76 0.58 -36.95
CA GLU C 217 21.38 1.71 -36.04
C GLU C 217 22.27 1.88 -34.80
N LYS C 218 22.23 3.05 -34.14
CA LYS C 218 23.25 3.39 -33.11
C LYS C 218 22.73 3.88 -31.73
N MSE C 219 21.42 3.71 -31.51
CA MSE C 219 20.79 4.05 -30.22
C MSE C 219 20.87 5.55 -29.96
O MSE C 219 21.27 5.98 -28.84
CB MSE C 219 21.41 3.27 -29.07
CG MSE C 219 20.41 2.91 -27.99
SE MSE C 219 21.29 1.97 -26.54
CE MSE C 219 19.74 1.70 -25.33
N HIS C 220 20.53 6.32 -31.00
CA HIS C 220 20.42 7.79 -30.98
C HIS C 220 19.51 8.26 -29.85
N PHE C 221 18.41 7.55 -29.62
CA PHE C 221 17.39 7.94 -28.63
C PHE C 221 17.90 7.89 -27.18
N TYR C 222 18.95 7.13 -26.90
CA TYR C 222 19.48 7.10 -25.55
C TYR C 222 20.72 7.94 -25.36
N LEU C 223 20.61 8.90 -24.46
CA LEU C 223 21.78 9.66 -24.05
C LEU C 223 22.19 9.21 -22.66
N PRO C 224 23.51 8.97 -22.47
CA PRO C 224 24.05 8.72 -21.18
C PRO C 224 23.62 9.78 -20.18
N GLY C 225 22.91 9.31 -19.15
CA GLY C 225 22.46 10.11 -18.02
C GLY C 225 20.95 10.31 -18.06
N ALA C 226 20.32 9.91 -19.16
CA ALA C 226 18.85 10.01 -19.29
C ALA C 226 18.06 9.26 -18.22
N CYS C 227 18.58 8.07 -17.78
CA CYS C 227 17.92 7.30 -16.73
C CYS C 227 17.89 8.17 -15.50
N MSE C 228 19.03 8.78 -15.18
CA MSE C 228 19.11 9.56 -13.97
C MSE C 228 18.30 10.85 -14.12
O MSE C 228 17.48 11.16 -13.21
CB MSE C 228 20.55 9.91 -13.66
CG MSE C 228 20.65 10.63 -12.37
SE MSE C 228 22.44 11.06 -12.08
CE MSE C 228 23.03 9.38 -11.20
N ALA C 229 18.50 11.60 -15.22
CA ALA C 229 17.82 12.91 -15.38
C ALA C 229 16.35 12.73 -15.42
N GLY C 230 15.89 11.79 -16.25
CA GLY C 230 14.48 11.61 -16.50
C GLY C 230 13.64 11.12 -15.33
N LEU C 231 14.21 10.20 -14.56
CA LEU C 231 13.52 9.66 -13.39
C LEU C 231 13.49 10.65 -12.22
N ILE C 232 14.57 11.37 -12.01
CA ILE C 232 14.53 12.44 -11.01
C ILE C 232 13.49 13.48 -11.43
N GLU C 233 13.38 13.70 -12.75
CA GLU C 233 12.47 14.72 -13.26
C GLU C 233 11.03 14.36 -12.95
N ILE C 234 10.60 13.14 -13.33
CA ILE C 234 9.23 12.72 -13.06
C ILE C 234 8.90 12.66 -11.60
N LEU C 235 9.88 12.34 -10.76
CA LEU C 235 9.71 12.40 -9.31
C LEU C 235 9.43 13.83 -8.86
N ASP C 236 10.17 14.78 -9.43
CA ASP C 236 9.78 16.16 -9.23
C ASP C 236 8.40 16.62 -9.79
N THR C 237 8.06 16.39 -11.07
CA THR C 237 6.95 17.06 -11.77
C THR C 237 5.60 16.35 -11.68
N HIS C 238 5.60 15.04 -11.45
CA HIS C 238 4.36 14.37 -11.29
C HIS C 238 3.39 15.01 -10.32
N ARG C 239 3.87 15.56 -9.22
CA ARG C 239 3.00 16.07 -8.15
C ARG C 239 2.16 17.29 -8.70
N GLN C 240 2.63 17.90 -9.77
CA GLN C 240 1.87 19.02 -10.40
C GLN C 240 0.57 18.50 -11.00
N GLU C 241 0.56 17.27 -11.51
CA GLU C 241 -0.66 16.68 -12.06
C GLU C 241 -1.44 15.81 -11.02
N CYS C 242 -0.94 15.71 -9.78
CA CYS C 242 -1.40 14.65 -8.89
C CYS C 242 -1.77 15.24 -7.57
N SER C 243 -2.98 14.95 -7.11
CA SER C 243 -3.45 15.56 -5.90
C SER C 243 -3.29 14.67 -4.68
N SER C 244 -2.77 13.46 -4.84
CA SER C 244 -2.52 12.56 -3.69
C SER C 244 -1.34 13.06 -2.85
N ARG C 245 -1.62 13.43 -1.59
CA ARG C 245 -0.58 13.77 -0.60
C ARG C 245 0.38 12.61 -0.30
N VAL C 246 -0.16 11.41 -0.11
CA VAL C 246 0.65 10.18 0.00
C VAL C 246 1.68 10.08 -1.16
N CYS C 247 1.25 10.38 -2.39
CA CYS C 247 2.08 10.21 -3.56
C CYS C 247 3.20 11.21 -3.54
N GLU C 248 2.82 12.45 -3.18
CA GLU C 248 3.81 13.45 -2.94
C GLU C 248 4.82 13.12 -1.84
N LEU C 249 4.32 12.57 -0.75
CA LEU C 249 5.20 12.11 0.32
C LEU C 249 6.19 11.03 -0.21
N THR C 250 5.67 10.09 -0.99
CA THR C 250 6.45 8.97 -1.52
C THR C 250 7.52 9.43 -2.53
N ALA C 251 7.09 10.22 -3.51
CA ALA C 251 8.01 10.84 -4.47
C ALA C 251 9.05 11.62 -3.75
N SER C 252 8.65 12.40 -2.76
CA SER C 252 9.62 13.23 -2.04
C SER C 252 10.56 12.42 -1.22
N HIS C 253 10.04 11.41 -0.52
CA HIS C 253 11.02 10.69 0.36
C HIS C 253 12.02 9.84 -0.45
N ILE C 254 11.62 9.43 -1.66
CA ILE C 254 12.53 8.73 -2.55
C ILE C 254 13.70 9.68 -2.95
N VAL C 255 13.33 10.91 -3.36
CA VAL C 255 14.32 11.93 -3.71
C VAL C 255 15.09 12.39 -2.51
N ALA C 256 14.46 12.45 -1.34
CA ALA C 256 15.16 12.86 -0.10
C ALA C 256 15.11 11.79 1.01
N PRO C 257 16.08 10.87 1.00
CA PRO C 257 15.98 9.69 1.86
C PRO C 257 16.38 9.78 3.36
N PRO C 258 17.08 10.84 3.82
CA PRO C 258 17.37 10.72 5.30
C PRO C 258 16.14 10.28 6.15
N TYR C 259 16.29 9.33 7.06
CA TYR C 259 15.17 8.84 7.88
C TYR C 259 14.53 9.93 8.79
N VAL C 260 13.22 10.01 8.80
CA VAL C 260 12.46 10.92 9.63
C VAL C 260 11.48 10.18 10.54
N HIS C 261 10.83 9.15 10.02
CA HIS C 261 9.83 8.46 10.80
C HIS C 261 9.55 7.11 10.17
N GLY C 262 8.96 6.21 10.94
CA GLY C 262 8.37 5.02 10.25
C GLY C 262 8.89 3.66 10.74
N LYS C 263 9.91 3.71 11.59
CA LYS C 263 10.32 2.53 12.36
C LYS C 263 9.87 2.68 13.84
N TYR C 264 9.47 1.56 14.45
CA TYR C 264 8.85 1.58 15.78
C TYR C 264 9.55 0.80 16.89
N PHE C 265 9.92 -0.43 16.61
CA PHE C 265 10.60 -1.21 17.62
C PHE C 265 11.49 -2.29 16.95
N TYR C 266 12.52 -2.74 17.70
CA TYR C 266 13.28 -3.94 17.33
C TYR C 266 12.98 -4.97 18.41
N CYS C 267 12.52 -6.15 18.00
CA CYS C 267 12.19 -7.26 18.91
C CYS C 267 12.85 -8.56 18.37
N ASN C 268 13.81 -9.07 19.13
CA ASN C 268 14.52 -10.30 18.76
C ASN C 268 14.72 -11.10 20.07
N SER C 269 13.93 -12.16 20.25
CA SER C 269 13.99 -12.95 21.46
C SER C 269 15.19 -13.85 21.33
N LEU C 270 15.74 -13.99 20.12
CA LEU C 270 16.70 -15.10 19.89
C LEU C 270 18.17 -14.85 20.21
N PHE C 271 18.68 -13.64 20.02
CA PHE C 271 20.09 -13.31 20.41
C PHE C 271 20.27 -11.83 20.67
ZN ZN D . -48.33 19.20 -4.01
ZN ZN E . 24.46 -22.41 -3.66
ZN ZN F . 0.63 10.42 -7.94
#